data_1S23
# 
_entry.id   1S23 
# 
_audit_conform.dict_name       mmcif_pdbx.dic 
_audit_conform.dict_version    5.389 
_audit_conform.dict_location   http://mmcif.pdb.org/dictionaries/ascii/mmcif_pdbx.dic 
# 
loop_
_database_2.database_id 
_database_2.database_code 
_database_2.pdbx_database_accession 
_database_2.pdbx_DOI 
PDB   1S23         pdb_00001s23 10.2210/pdb1s23/pdb 
NDB   BD0066       ?            ?                   
RCSB  RCSB021269   ?            ?                   
WWPDB D_1000021269 ?            ?                   
# 
loop_
_pdbx_audit_revision_history.ordinal 
_pdbx_audit_revision_history.data_content_type 
_pdbx_audit_revision_history.major_revision 
_pdbx_audit_revision_history.minor_revision 
_pdbx_audit_revision_history.revision_date 
1 'Structure model' 1 0 2004-04-06 
2 'Structure model' 1 1 2008-04-29 
3 'Structure model' 1 2 2011-07-13 
4 'Structure model' 1 3 2024-02-14 
5 'Structure model' 1 4 2024-04-03 
# 
_pdbx_audit_revision_details.ordinal             1 
_pdbx_audit_revision_details.revision_ordinal    1 
_pdbx_audit_revision_details.data_content_type   'Structure model' 
_pdbx_audit_revision_details.provider            repository 
_pdbx_audit_revision_details.type                'Initial release' 
_pdbx_audit_revision_details.description         ? 
_pdbx_audit_revision_details.details             ? 
# 
loop_
_pdbx_audit_revision_group.ordinal 
_pdbx_audit_revision_group.revision_ordinal 
_pdbx_audit_revision_group.data_content_type 
_pdbx_audit_revision_group.group 
1 2 'Structure model' 'Version format compliance' 
2 3 'Structure model' 'Version format compliance' 
3 4 'Structure model' 'Data collection'           
4 4 'Structure model' 'Database references'       
5 4 'Structure model' 'Derived calculations'      
6 5 'Structure model' 'Refinement description'    
# 
loop_
_pdbx_audit_revision_category.ordinal 
_pdbx_audit_revision_category.revision_ordinal 
_pdbx_audit_revision_category.data_content_type 
_pdbx_audit_revision_category.category 
1 4 'Structure model' chem_comp_atom                
2 4 'Structure model' chem_comp_bond                
3 4 'Structure model' database_2                    
4 4 'Structure model' pdbx_struct_conn_angle        
5 4 'Structure model' struct_conn                   
6 4 'Structure model' struct_site                   
7 5 'Structure model' pdbx_initial_refinement_model 
# 
loop_
_pdbx_audit_revision_item.ordinal 
_pdbx_audit_revision_item.revision_ordinal 
_pdbx_audit_revision_item.data_content_type 
_pdbx_audit_revision_item.item 
1  4 'Structure model' '_database_2.pdbx_DOI'                        
2  4 'Structure model' '_database_2.pdbx_database_accession'         
3  4 'Structure model' '_pdbx_struct_conn_angle.ptnr1_auth_comp_id'  
4  4 'Structure model' '_pdbx_struct_conn_angle.ptnr1_auth_seq_id'   
5  4 'Structure model' '_pdbx_struct_conn_angle.ptnr1_label_asym_id' 
6  4 'Structure model' '_pdbx_struct_conn_angle.ptnr1_label_atom_id' 
7  4 'Structure model' '_pdbx_struct_conn_angle.ptnr1_label_comp_id' 
8  4 'Structure model' '_pdbx_struct_conn_angle.ptnr1_label_seq_id'  
9  4 'Structure model' '_pdbx_struct_conn_angle.ptnr1_symmetry'      
10 4 'Structure model' '_pdbx_struct_conn_angle.ptnr3_auth_comp_id'  
11 4 'Structure model' '_pdbx_struct_conn_angle.ptnr3_auth_seq_id'   
12 4 'Structure model' '_pdbx_struct_conn_angle.ptnr3_label_asym_id' 
13 4 'Structure model' '_pdbx_struct_conn_angle.ptnr3_label_atom_id' 
14 4 'Structure model' '_pdbx_struct_conn_angle.ptnr3_label_comp_id' 
15 4 'Structure model' '_pdbx_struct_conn_angle.ptnr3_label_seq_id'  
16 4 'Structure model' '_pdbx_struct_conn_angle.ptnr3_symmetry'      
17 4 'Structure model' '_pdbx_struct_conn_angle.value'               
18 4 'Structure model' '_struct_conn.pdbx_dist_value'                
19 4 'Structure model' '_struct_conn.ptnr1_auth_comp_id'             
20 4 'Structure model' '_struct_conn.ptnr1_auth_seq_id'              
21 4 'Structure model' '_struct_conn.ptnr1_label_asym_id'            
22 4 'Structure model' '_struct_conn.ptnr1_label_atom_id'            
23 4 'Structure model' '_struct_conn.ptnr1_label_comp_id'            
24 4 'Structure model' '_struct_conn.ptnr1_label_seq_id'             
25 4 'Structure model' '_struct_conn.ptnr1_symmetry'                 
26 4 'Structure model' '_struct_conn.ptnr2_auth_comp_id'             
27 4 'Structure model' '_struct_conn.ptnr2_auth_seq_id'              
28 4 'Structure model' '_struct_conn.ptnr2_label_asym_id'            
29 4 'Structure model' '_struct_conn.ptnr2_label_atom_id'            
30 4 'Structure model' '_struct_conn.ptnr2_label_comp_id'            
31 4 'Structure model' '_struct_conn.ptnr2_label_seq_id'             
32 4 'Structure model' '_struct_conn.ptnr2_symmetry'                 
33 4 'Structure model' '_struct_site.pdbx_auth_asym_id'              
34 4 'Structure model' '_struct_site.pdbx_auth_comp_id'              
35 4 'Structure model' '_struct_site.pdbx_auth_seq_id'               
# 
_pdbx_database_status.status_code                     REL 
_pdbx_database_status.entry_id                        1S23 
_pdbx_database_status.recvd_initial_deposition_date   2004-01-08 
_pdbx_database_status.deposit_site                    RCSB 
_pdbx_database_status.process_site                    RCSB 
_pdbx_database_status.status_code_sf                  REL 
_pdbx_database_status.SG_entry                        . 
_pdbx_database_status.pdb_format_compatible           Y 
_pdbx_database_status.status_code_mr                  ? 
_pdbx_database_status.status_code_cs                  ? 
_pdbx_database_status.status_code_nmr_data            ? 
_pdbx_database_status.methods_development_category    ? 
# 
loop_
_audit_author.name 
_audit_author.pdbx_ordinal 
'Valls, N.'       1 
'Wright, G.'      2 
'Steiner, R.A.'   3 
'Murshudov, G.N.' 4 
'Subirana, J.A.'  5 
# 
_citation.id                        primary 
_citation.title                     'DNA variability in five crystal structures of d(CGCAATTGCG).' 
_citation.journal_abbrev            'Acta Crystallogr.,Sect.D' 
_citation.journal_volume            60 
_citation.page_first                680 
_citation.page_last                 685 
_citation.year                      2004 
_citation.journal_id_ASTM           ABCRE6 
_citation.country                   DK 
_citation.journal_id_ISSN           0907-4449 
_citation.journal_id_CSD            0766 
_citation.book_publisher            ? 
_citation.pdbx_database_id_PubMed   15039556 
_citation.pdbx_database_id_DOI      10.1107/S0907444904002896 
# 
loop_
_citation_author.citation_id 
_citation_author.name 
_citation_author.ordinal 
_citation_author.identifier_ORCID 
primary 'Valls, N.'       1 ? 
primary 'Wright, G.'      2 ? 
primary 'Steiner, R.A.'   3 ? 
primary 'Murshudov, G.N.' 4 ? 
primary 'Subirana, J.A.'  5 ? 
# 
loop_
_entity.id 
_entity.type 
_entity.src_method 
_entity.pdbx_description 
_entity.formula_weight 
_entity.pdbx_number_of_molecules 
_entity.pdbx_ec 
_entity.pdbx_mutation 
_entity.pdbx_fragment 
_entity.details 
1 polymer     syn "5'-D(*CP*GP*CP*AP*AP*TP*TP*GP*CP*G)-3'" 3045.005 1  ? ? ? ? 
2 non-polymer syn 'COBALT (II) ION'                        58.933   1  ? ? ? ? 
3 water       nat water                                    18.015   46 ? ? ? ? 
# 
_entity_poly.entity_id                      1 
_entity_poly.type                           polydeoxyribonucleotide 
_entity_poly.nstd_linkage                   no 
_entity_poly.nstd_monomer                   no 
_entity_poly.pdbx_seq_one_letter_code       '(DC)(DG)(DC)(DA)(DA)(DT)(DT)(DG)(DC)(DG)' 
_entity_poly.pdbx_seq_one_letter_code_can   CGCAATTGCG 
_entity_poly.pdbx_strand_id                 A 
_entity_poly.pdbx_target_identifier         ? 
# 
loop_
_pdbx_entity_nonpoly.entity_id 
_pdbx_entity_nonpoly.name 
_pdbx_entity_nonpoly.comp_id 
2 'COBALT (II) ION' CO  
3 water             HOH 
# 
loop_
_entity_poly_seq.entity_id 
_entity_poly_seq.num 
_entity_poly_seq.mon_id 
_entity_poly_seq.hetero 
1 1  DC n 
1 2  DG n 
1 3  DC n 
1 4  DA n 
1 5  DA n 
1 6  DT n 
1 7  DT n 
1 8  DG n 
1 9  DC n 
1 10 DG n 
# 
loop_
_chem_comp.id 
_chem_comp.type 
_chem_comp.mon_nstd_flag 
_chem_comp.name 
_chem_comp.pdbx_synonyms 
_chem_comp.formula 
_chem_comp.formula_weight 
CO  non-polymer   . 'COBALT (II) ION'                    ? 'Co 2'            58.933  
DA  'DNA linking' y "2'-DEOXYADENOSINE-5'-MONOPHOSPHATE" ? 'C10 H14 N5 O6 P' 331.222 
DC  'DNA linking' y "2'-DEOXYCYTIDINE-5'-MONOPHOSPHATE"  ? 'C9 H14 N3 O7 P'  307.197 
DG  'DNA linking' y "2'-DEOXYGUANOSINE-5'-MONOPHOSPHATE" ? 'C10 H14 N5 O7 P' 347.221 
DT  'DNA linking' y "THYMIDINE-5'-MONOPHOSPHATE"         ? 'C10 H15 N2 O8 P' 322.208 
HOH non-polymer   . WATER                                ? 'H2 O'            18.015  
# 
loop_
_pdbx_poly_seq_scheme.asym_id 
_pdbx_poly_seq_scheme.entity_id 
_pdbx_poly_seq_scheme.seq_id 
_pdbx_poly_seq_scheme.mon_id 
_pdbx_poly_seq_scheme.ndb_seq_num 
_pdbx_poly_seq_scheme.pdb_seq_num 
_pdbx_poly_seq_scheme.auth_seq_num 
_pdbx_poly_seq_scheme.pdb_mon_id 
_pdbx_poly_seq_scheme.auth_mon_id 
_pdbx_poly_seq_scheme.pdb_strand_id 
_pdbx_poly_seq_scheme.pdb_ins_code 
_pdbx_poly_seq_scheme.hetero 
A 1 1  DC 1  1  1  DC C A . n 
A 1 2  DG 2  2  2  DG G A . n 
A 1 3  DC 3  3  3  DC C A . n 
A 1 4  DA 4  4  4  DA A A . n 
A 1 5  DA 5  5  5  DA A A . n 
A 1 6  DT 6  6  6  DT T A . n 
A 1 7  DT 7  7  7  DT T A . n 
A 1 8  DG 8  8  8  DG G A . n 
A 1 9  DC 9  9  9  DC C A . n 
A 1 10 DG 10 10 10 DG G A . n 
# 
loop_
_pdbx_nonpoly_scheme.asym_id 
_pdbx_nonpoly_scheme.entity_id 
_pdbx_nonpoly_scheme.mon_id 
_pdbx_nonpoly_scheme.ndb_seq_num 
_pdbx_nonpoly_scheme.pdb_seq_num 
_pdbx_nonpoly_scheme.auth_seq_num 
_pdbx_nonpoly_scheme.pdb_mon_id 
_pdbx_nonpoly_scheme.auth_mon_id 
_pdbx_nonpoly_scheme.pdb_strand_id 
_pdbx_nonpoly_scheme.pdb_ins_code 
B 2 CO  1  300 300 CO  CO  A . 
C 3 HOH 1  301 1   HOH HOH A . 
C 3 HOH 2  302 2   HOH HOH A . 
C 3 HOH 3  303 3   HOH HOH A . 
C 3 HOH 4  304 4   HOH HOH A . 
C 3 HOH 5  305 5   HOH HOH A . 
C 3 HOH 6  306 6   HOH HOH A . 
C 3 HOH 7  307 7   HOH HOH A . 
C 3 HOH 8  308 8   HOH HOH A . 
C 3 HOH 9  309 9   HOH HOH A . 
C 3 HOH 10 310 10  HOH HOH A . 
C 3 HOH 11 311 11  HOH HOH A . 
C 3 HOH 12 312 12  HOH HOH A . 
C 3 HOH 13 313 13  HOH HOH A . 
C 3 HOH 14 314 14  HOH HOH A . 
C 3 HOH 15 315 15  HOH HOH A . 
C 3 HOH 16 316 16  HOH HOH A . 
C 3 HOH 17 317 17  HOH HOH A . 
C 3 HOH 18 318 18  HOH HOH A . 
C 3 HOH 19 319 19  HOH HOH A . 
C 3 HOH 20 320 20  HOH HOH A . 
C 3 HOH 21 321 21  HOH HOH A . 
C 3 HOH 22 322 22  HOH HOH A . 
C 3 HOH 23 323 23  HOH HOH A . 
C 3 HOH 24 324 24  HOH HOH A . 
C 3 HOH 25 325 25  HOH HOH A . 
C 3 HOH 26 326 26  HOH HOH A . 
C 3 HOH 27 327 27  HOH HOH A . 
C 3 HOH 28 328 28  HOH HOH A . 
C 3 HOH 29 329 29  HOH HOH A . 
C 3 HOH 30 330 30  HOH HOH A . 
C 3 HOH 31 331 31  HOH HOH A . 
C 3 HOH 32 332 32  HOH HOH A . 
C 3 HOH 33 333 33  HOH HOH A . 
C 3 HOH 34 334 34  HOH HOH A . 
C 3 HOH 35 335 35  HOH HOH A . 
C 3 HOH 36 336 36  HOH HOH A . 
C 3 HOH 37 337 37  HOH HOH A . 
C 3 HOH 38 338 38  HOH HOH A . 
C 3 HOH 39 339 39  HOH HOH A . 
C 3 HOH 40 340 40  HOH HOH A . 
C 3 HOH 41 341 41  HOH HOH A . 
C 3 HOH 42 342 42  HOH HOH A . 
C 3 HOH 43 343 43  HOH HOH A . 
C 3 HOH 44 344 44  HOH HOH A . 
C 3 HOH 45 345 45  HOH HOH A . 
C 3 HOH 46 346 46  HOH HOH A . 
# 
loop_
_software.name 
_software.classification 
_software.version 
_software.citation_id 
_software.pdbx_ordinal 
REFMAC    refinement       5.1.19 ? 1 
DENZO     'data reduction' .      ? 2 
SCALEPACK 'data scaling'   .      ? 3 
EPMR      phasing          .      ? 4 
# 
_cell.entry_id           1S23 
_cell.length_a           26.220 
_cell.length_b           44.359 
_cell.length_c           52.336 
_cell.angle_alpha        90.00 
_cell.angle_beta         90.00 
_cell.angle_gamma        90.00 
_cell.Z_PDB              8 
_cell.pdbx_unique_axis   ? 
# 
_symmetry.entry_id                         1S23 
_symmetry.space_group_name_H-M             'I 21 21 21' 
_symmetry.pdbx_full_space_group_name_H-M   ? 
_symmetry.cell_setting                     ? 
_symmetry.Int_Tables_number                24 
# 
_exptl.entry_id          1S23 
_exptl.method            'X-RAY DIFFRACTION' 
_exptl.crystals_number   1 
# 
_exptl_crystal.id                    1 
_exptl_crystal.density_meas          ? 
_exptl_crystal.density_percent_sol   51.65 
_exptl_crystal.description           ? 
_exptl_crystal.density_Matthews      2.56 
# 
_exptl_crystal_grow.crystal_id      1 
_exptl_crystal_grow.method          'VAPOR DIFFUSION, HANGING DROP' 
_exptl_crystal_grow.temp            293 
_exptl_crystal_grow.temp_details    ? 
_exptl_crystal_grow.pH              6.5 
_exptl_crystal_grow.pdbx_details    
;MPD, acridine(RGR), cacodylate, calcium chloride, cobalt chloride, spermine , pH 6.5, VAPOR DIFFUSION, HANGING DROP, temperature 293K
;
_exptl_crystal_grow.pdbx_pH_range   . 
# 
loop_
_exptl_crystal_grow_comp.crystal_id 
_exptl_crystal_grow_comp.id 
_exptl_crystal_grow_comp.sol_id 
_exptl_crystal_grow_comp.name 
_exptl_crystal_grow_comp.volume 
_exptl_crystal_grow_comp.conc 
_exptl_crystal_grow_comp.details 
1 1 1 MPD                ? ? ? 
1 2 1 'acridine(RGR)'    ? ? ? 
1 3 1 cacodylate         ? ? ? 
1 4 1 'calcium chloride' ? ? ? 
1 5 1 'cobalt chloride'  ? ? ? 
1 6 1 spermine           ? ? ? 
1 7 2 MPD                ? ? ? 
1 8 2 'calcium chloride' ? ? ? 
1 9 2 'cobalt chloride'  ? ? ? 
# 
_diffrn.id                     1 
_diffrn.ambient_temp           120 
_diffrn.ambient_temp_details   ? 
_diffrn.crystal_id             1 
# 
_diffrn_detector.diffrn_id              1 
_diffrn_detector.detector               CCD 
_diffrn_detector.type                   MARRESEARCH 
_diffrn_detector.pdbx_collection_date   ? 
_diffrn_detector.details                ? 
# 
_diffrn_radiation.diffrn_id                        1 
_diffrn_radiation.wavelength_id                    1 
_diffrn_radiation.pdbx_monochromatic_or_laue_m_l   M 
_diffrn_radiation.monochromator                    ? 
_diffrn_radiation.pdbx_diffrn_protocol             'SINGLE WAVELENGTH' 
_diffrn_radiation.pdbx_scattering_type             x-ray 
# 
_diffrn_radiation_wavelength.id           1 
_diffrn_radiation_wavelength.wavelength   0.917 
_diffrn_radiation_wavelength.wt           1.0 
# 
_diffrn_source.diffrn_id                   1 
_diffrn_source.source                      SYNCHROTRON 
_diffrn_source.type                        'ESRF BEAMLINE BM14' 
_diffrn_source.pdbx_synchrotron_site       ESRF 
_diffrn_source.pdbx_synchrotron_beamline   BM14 
_diffrn_source.pdbx_wavelength             ? 
_diffrn_source.pdbx_wavelength_list        0.917 
# 
_reflns.entry_id                     1S23 
_reflns.observed_criterion_sigma_F   ? 
_reflns.observed_criterion_sigma_I   ? 
_reflns.d_resolution_high            1.6 
_reflns.d_resolution_low             25 
_reflns.number_all                   ? 
_reflns.number_obs                   4174 
_reflns.percent_possible_obs         98.4 
_reflns.pdbx_Rmerge_I_obs            0.061 
_reflns.pdbx_Rsym_value              0.077 
_reflns.pdbx_netI_over_sigmaI        ? 
_reflns.B_iso_Wilson_estimate        ? 
_reflns.pdbx_redundancy              17.7 
_reflns.R_free_details               ? 
_reflns.pdbx_diffrn_id               1 
_reflns.pdbx_ordinal                 1 
# 
_reflns_shell.d_res_high             1.60 
_reflns_shell.d_res_low              1.66 
_reflns_shell.percent_possible_all   89.1 
_reflns_shell.Rmerge_I_obs           0.23 
_reflns_shell.pdbx_Rsym_value        0.6 
_reflns_shell.meanI_over_sigI_obs    2.93 
_reflns_shell.pdbx_redundancy        ? 
_reflns_shell.percent_possible_obs   ? 
_reflns_shell.number_unique_all      376 
_reflns_shell.pdbx_diffrn_id         ? 
_reflns_shell.pdbx_ordinal           1 
# 
_refine.entry_id                                 1S23 
_refine.ls_number_reflns_obs                     3746 
_refine.ls_number_reflns_all                     ? 
_refine.pdbx_ls_sigma_I                          ? 
_refine.pdbx_ls_sigma_F                          ? 
_refine.pdbx_data_cutoff_high_absF               ? 
_refine.pdbx_data_cutoff_low_absF                ? 
_refine.pdbx_data_cutoff_high_rms_absF           ? 
_refine.ls_d_res_low                             22.59 
_refine.ls_d_res_high                            1.60 
_refine.ls_percent_reflns_obs                    97.86 
_refine.ls_R_factor_obs                          0.21601 
_refine.ls_R_factor_all                          0.214 
_refine.ls_R_factor_R_work                       0.20969 
_refine.ls_R_factor_R_free                       0.28152 
_refine.ls_R_factor_R_free_error                 ? 
_refine.ls_R_factor_R_free_error_details         ? 
_refine.ls_percent_reflns_R_free                 10.0 
_refine.ls_number_reflns_R_free                  414 
_refine.ls_number_parameters                     ? 
_refine.ls_number_restraints                     ? 
_refine.occupancy_min                            ? 
_refine.occupancy_max                            ? 
_refine.correlation_coeff_Fo_to_Fc               0.961 
_refine.correlation_coeff_Fo_to_Fc_free          0.911 
_refine.B_iso_mean                               24.833 
_refine.aniso_B[1][1]                            -0.02 
_refine.aniso_B[2][2]                            2.26 
_refine.aniso_B[3][3]                            -2.24 
_refine.aniso_B[1][2]                            0.00 
_refine.aniso_B[1][3]                            0.00 
_refine.aniso_B[2][3]                            0.00 
_refine.solvent_model_details                    'BABINET MODEL WITH MASK' 
_refine.solvent_model_param_ksol                 ? 
_refine.solvent_model_param_bsol                 ? 
_refine.pdbx_solvent_vdw_probe_radii             1.40 
_refine.pdbx_solvent_ion_probe_radii             0.80 
_refine.pdbx_solvent_shrinkage_radii             0.80 
_refine.pdbx_ls_cross_valid_method               THROUGHOUT 
_refine.details                                  'HYDROGENS HAVE BEEN ADDED IN THE RIDING POSITIONS' 
_refine.pdbx_starting_model                      'NDB ENTRY UDJ031' 
_refine.pdbx_method_to_determine_struct          'MOLECULAR REPLACEMENT' 
_refine.pdbx_isotropic_thermal_model             ? 
_refine.pdbx_stereochemistry_target_values       'MAXIMUM LIKELIHOOD' 
_refine.pdbx_stereochem_target_val_spec_case     ? 
_refine.pdbx_R_Free_selection_details            RANDOM 
_refine.pdbx_overall_ESU_R                       0.108 
_refine.pdbx_overall_ESU_R_Free                  0.124 
_refine.overall_SU_ML                            0.088 
_refine.overall_SU_B                             2.747 
_refine.ls_redundancy_reflns_obs                 ? 
_refine.overall_SU_R_Cruickshank_DPI             ? 
_refine.overall_SU_R_free                        ? 
_refine.pdbx_refine_id                           'X-RAY DIFFRACTION' 
_refine.pdbx_diffrn_id                           1 
_refine.pdbx_TLS_residual_ADP_flag               ? 
_refine.pdbx_overall_phase_error                 ? 
_refine.pdbx_overall_SU_R_free_Cruickshank_DPI   ? 
_refine.pdbx_overall_SU_R_Blow_DPI               ? 
_refine.pdbx_overall_SU_R_free_Blow_DPI          ? 
# 
_refine_hist.pdbx_refine_id                   'X-RAY DIFFRACTION' 
_refine_hist.cycle_id                         LAST 
_refine_hist.pdbx_number_atoms_protein        0 
_refine_hist.pdbx_number_atoms_nucleic_acid   211 
_refine_hist.pdbx_number_atoms_ligand         1 
_refine_hist.number_atoms_solvent             47 
_refine_hist.number_atoms_total               259 
_refine_hist.d_res_high                       1.60 
_refine_hist.d_res_low                        22.59 
# 
loop_
_refine_ls_restr.type 
_refine_ls_restr.dev_ideal 
_refine_ls_restr.dev_ideal_target 
_refine_ls_restr.weight 
_refine_ls_restr.number 
_refine_ls_restr.pdbx_refine_id 
_refine_ls_restr.pdbx_restraint_function 
r_bond_refined_d         0.015 0.021 ? 238 'X-RAY DIFFRACTION' ? 
r_bond_other_d           0.001 0.020 ? 101 'X-RAY DIFFRACTION' ? 
r_angle_refined_deg      2.595 3.000 ? 369 'X-RAY DIFFRACTION' ? 
r_angle_other_deg        1.431 3.000 ? 258 'X-RAY DIFFRACTION' ? 
r_chiral_restr           0.082 0.200 ? 33  'X-RAY DIFFRACTION' ? 
r_gen_planes_refined     0.013 0.020 ? 117 'X-RAY DIFFRACTION' ? 
r_gen_planes_other       0.001 0.020 ? 2   'X-RAY DIFFRACTION' ? 
r_nbd_refined            0.130 0.200 ? 20  'X-RAY DIFFRACTION' ? 
r_nbd_other              0.190 0.200 ? 102 'X-RAY DIFFRACTION' ? 
r_nbtor_other            0.098 0.200 ? 51  'X-RAY DIFFRACTION' ? 
r_xyhbond_nbd_refined    0.182 0.200 ? 18  'X-RAY DIFFRACTION' ? 
r_symmetry_vdw_refined   0.279 0.200 ? 5   'X-RAY DIFFRACTION' ? 
r_symmetry_vdw_other     0.354 0.200 ? 16  'X-RAY DIFFRACTION' ? 
r_symmetry_hbond_refined 0.158 0.200 ? 16  'X-RAY DIFFRACTION' ? 
r_scbond_it              2.305 3.000 ? 238 'X-RAY DIFFRACTION' ? 
r_scangle_it             3.387 4.500 ? 369 'X-RAY DIFFRACTION' ? 
# 
_refine_ls_shell.pdbx_total_number_of_bins_used   20 
_refine_ls_shell.d_res_high                       1.60 
_refine_ls_shell.d_res_low                        1.644 
_refine_ls_shell.number_reflns_R_work             221 
_refine_ls_shell.R_factor_R_work                  0.459 
_refine_ls_shell.percent_reflns_obs               ? 
_refine_ls_shell.R_factor_R_free                  0.416 
_refine_ls_shell.R_factor_R_free_error            ? 
_refine_ls_shell.percent_reflns_R_free            ? 
_refine_ls_shell.number_reflns_R_free             26 
_refine_ls_shell.redundancy_reflns_obs            ? 
_refine_ls_shell.pdbx_refine_id                   'X-RAY DIFFRACTION' 
_refine_ls_shell.number_reflns_all                ? 
_refine_ls_shell.R_factor_all                     ? 
# 
_struct.entry_id                  1S23 
_struct.title                     'Crystal Structure Analysis of the B-DNA Decamer CGCAATTGCG' 
_struct.pdbx_model_details        ? 
_struct.pdbx_CASP_flag            ? 
_struct.pdbx_model_type_details   ? 
# 
_struct_keywords.entry_id        1S23 
_struct_keywords.pdbx_keywords   DNA 
_struct_keywords.text            'deoxyoligonucleotide, cobalt, variability, DNA' 
# 
loop_
_struct_asym.id 
_struct_asym.pdbx_blank_PDB_chainid_flag 
_struct_asym.pdbx_modified 
_struct_asym.entity_id 
_struct_asym.details 
A N N 1 ? 
B N N 2 ? 
C N N 3 ? 
# 
_struct_ref.id                         1 
_struct_ref.entity_id                  1 
_struct_ref.db_name                    PDB 
_struct_ref.db_code                    1S23 
_struct_ref.pdbx_db_accession          1S23 
_struct_ref.pdbx_db_isoform            ? 
_struct_ref.pdbx_seq_one_letter_code   ? 
_struct_ref.pdbx_align_begin           ? 
# 
_struct_ref_seq.align_id                      1 
_struct_ref_seq.ref_id                        1 
_struct_ref_seq.pdbx_PDB_id_code              1S23 
_struct_ref_seq.pdbx_strand_id                A 
_struct_ref_seq.seq_align_beg                 1 
_struct_ref_seq.pdbx_seq_align_beg_ins_code   ? 
_struct_ref_seq.seq_align_end                 10 
_struct_ref_seq.pdbx_seq_align_end_ins_code   ? 
_struct_ref_seq.pdbx_db_accession             1S23 
_struct_ref_seq.db_align_beg                  1 
_struct_ref_seq.pdbx_db_align_beg_ins_code    ? 
_struct_ref_seq.db_align_end                  10 
_struct_ref_seq.pdbx_db_align_end_ins_code    ? 
_struct_ref_seq.pdbx_auth_seq_align_beg       1 
_struct_ref_seq.pdbx_auth_seq_align_end       10 
# 
_pdbx_struct_assembly.id                   1 
_pdbx_struct_assembly.details              author_defined_assembly 
_pdbx_struct_assembly.method_details       ? 
_pdbx_struct_assembly.oligomeric_details   dimeric 
_pdbx_struct_assembly.oligomeric_count     2 
# 
_pdbx_struct_assembly_gen.assembly_id       1 
_pdbx_struct_assembly_gen.oper_expression   1,2 
_pdbx_struct_assembly_gen.asym_id_list      A,B,C 
# 
loop_
_pdbx_struct_oper_list.id 
_pdbx_struct_oper_list.type 
_pdbx_struct_oper_list.name 
_pdbx_struct_oper_list.symmetry_operation 
_pdbx_struct_oper_list.matrix[1][1] 
_pdbx_struct_oper_list.matrix[1][2] 
_pdbx_struct_oper_list.matrix[1][3] 
_pdbx_struct_oper_list.vector[1] 
_pdbx_struct_oper_list.matrix[2][1] 
_pdbx_struct_oper_list.matrix[2][2] 
_pdbx_struct_oper_list.matrix[2][3] 
_pdbx_struct_oper_list.vector[2] 
_pdbx_struct_oper_list.matrix[3][1] 
_pdbx_struct_oper_list.matrix[3][2] 
_pdbx_struct_oper_list.matrix[3][3] 
_pdbx_struct_oper_list.vector[3] 
1 'identity operation'         1_555 x,y,z         1.0000000000  0.0000000000 0.0000000000 0.0000000000 0.0000000000 1.0000000000  0.0000000000 0.0000000000  0.0000000000 0.0000000000 1.0000000000 0.0000000000 
2 'crystal symmetry operation' 8_575 x,-y+2,-z+1/2 -0.8313147970 0.3078028808 0.4627883910 0.0834647272 0.3078028808 -0.4383466259 0.8444581826 -0.2055887701 0.4627883910 0.8444581826 0.2696614229 0.1063154397 
# 
_struct_biol.id                    1 
_struct_biol.pdbx_parent_biol_id   ? 
_struct_biol.details               ? 
# 
loop_
_struct_conn.id 
_struct_conn.conn_type_id 
_struct_conn.pdbx_leaving_atom_flag 
_struct_conn.pdbx_PDB_id 
_struct_conn.ptnr1_label_asym_id 
_struct_conn.ptnr1_label_comp_id 
_struct_conn.ptnr1_label_seq_id 
_struct_conn.ptnr1_label_atom_id 
_struct_conn.pdbx_ptnr1_label_alt_id 
_struct_conn.pdbx_ptnr1_PDB_ins_code 
_struct_conn.pdbx_ptnr1_standard_comp_id 
_struct_conn.ptnr1_symmetry 
_struct_conn.ptnr2_label_asym_id 
_struct_conn.ptnr2_label_comp_id 
_struct_conn.ptnr2_label_seq_id 
_struct_conn.ptnr2_label_atom_id 
_struct_conn.pdbx_ptnr2_label_alt_id 
_struct_conn.pdbx_ptnr2_PDB_ins_code 
_struct_conn.ptnr1_auth_asym_id 
_struct_conn.ptnr1_auth_comp_id 
_struct_conn.ptnr1_auth_seq_id 
_struct_conn.ptnr2_auth_asym_id 
_struct_conn.ptnr2_auth_comp_id 
_struct_conn.ptnr2_auth_seq_id 
_struct_conn.ptnr2_symmetry 
_struct_conn.pdbx_ptnr3_label_atom_id 
_struct_conn.pdbx_ptnr3_label_seq_id 
_struct_conn.pdbx_ptnr3_label_comp_id 
_struct_conn.pdbx_ptnr3_label_asym_id 
_struct_conn.pdbx_ptnr3_label_alt_id 
_struct_conn.pdbx_ptnr3_PDB_ins_code 
_struct_conn.details 
_struct_conn.pdbx_dist_value 
_struct_conn.pdbx_value_order 
_struct_conn.pdbx_role 
metalc1  metalc ? ? A DG 10 N7 ? ? ? 1_555 B CO  . CO ? ? A DG 10  A CO  300 1_555 ? ? ? ? ? ? ?            2.176 ? ? 
metalc2  metalc ? ? A DG 10 N7 ? ? ? 6_675 B CO  . CO ? ? A DG 10  A CO  300 1_555 ? ? ? ? ? ? ?            2.184 ? ? 
metalc3  metalc ? ? B CO .  CO ? ? ? 1_555 C HOH . O  ? ? A CO 300 A HOH 324 1_555 ? ? ? ? ? ? ?            1.979 ? ? 
metalc4  metalc ? ? B CO .  CO ? ? ? 1_555 C HOH . O  ? ? A CO 300 A HOH 324 6_675 ? ? ? ? ? ? ?            1.981 ? ? 
metalc5  metalc ? ? B CO .  CO ? ? ? 1_555 C HOH . O  ? ? A CO 300 A HOH 325 1_555 ? ? ? ? ? ? ?            1.942 ? ? 
metalc6  metalc ? ? B CO .  CO ? ? ? 1_555 C HOH . O  ? ? A CO 300 A HOH 325 6_675 ? ? ? ? ? ? ?            1.938 ? ? 
hydrog1  hydrog ? ? A DG 2  N1 ? ? ? 1_555 A DC  9 N3 ? ? A DG 2   A DC  9   8_575 ? ? ? ? ? ? WATSON-CRICK ?     ? ? 
hydrog2  hydrog ? ? A DG 2  N2 ? ? ? 1_555 A DC  9 O2 ? ? A DG 2   A DC  9   8_575 ? ? ? ? ? ? WATSON-CRICK ?     ? ? 
hydrog3  hydrog ? ? A DG 2  O6 ? ? ? 1_555 A DC  9 N4 ? ? A DG 2   A DC  9   8_575 ? ? ? ? ? ? WATSON-CRICK ?     ? ? 
hydrog4  hydrog ? ? A DC 3  N3 ? ? ? 1_555 A DG  8 N1 ? ? A DC 3   A DG  8   8_575 ? ? ? ? ? ? WATSON-CRICK ?     ? ? 
hydrog5  hydrog ? ? A DC 3  N4 ? ? ? 1_555 A DG  8 O6 ? ? A DC 3   A DG  8   8_575 ? ? ? ? ? ? WATSON-CRICK ?     ? ? 
hydrog6  hydrog ? ? A DC 3  O2 ? ? ? 1_555 A DG  8 N2 ? ? A DC 3   A DG  8   8_575 ? ? ? ? ? ? WATSON-CRICK ?     ? ? 
hydrog7  hydrog ? ? A DA 4  N1 ? ? ? 1_555 A DT  7 N3 ? ? A DA 4   A DT  7   8_575 ? ? ? ? ? ? WATSON-CRICK ?     ? ? 
hydrog8  hydrog ? ? A DA 4  N6 ? ? ? 1_555 A DT  7 O4 ? ? A DA 4   A DT  7   8_575 ? ? ? ? ? ? WATSON-CRICK ?     ? ? 
hydrog9  hydrog ? ? A DA 5  N1 ? ? ? 1_555 A DT  6 N3 ? ? A DA 5   A DT  6   8_575 ? ? ? ? ? ? WATSON-CRICK ?     ? ? 
hydrog10 hydrog ? ? A DA 5  N6 ? ? ? 1_555 A DT  6 O4 ? ? A DA 5   A DT  6   8_575 ? ? ? ? ? ? WATSON-CRICK ?     ? ? 
hydrog11 hydrog ? ? A DT 6  N3 ? ? ? 1_555 A DA  5 N1 ? ? A DT 6   A DA  5   8_575 ? ? ? ? ? ? WATSON-CRICK ?     ? ? 
hydrog12 hydrog ? ? A DT 6  O4 ? ? ? 1_555 A DA  5 N6 ? ? A DT 6   A DA  5   8_575 ? ? ? ? ? ? WATSON-CRICK ?     ? ? 
hydrog13 hydrog ? ? A DT 7  N3 ? ? ? 1_555 A DA  4 N1 ? ? A DT 7   A DA  4   8_575 ? ? ? ? ? ? WATSON-CRICK ?     ? ? 
hydrog14 hydrog ? ? A DT 7  O4 ? ? ? 1_555 A DA  4 N6 ? ? A DT 7   A DA  4   8_575 ? ? ? ? ? ? WATSON-CRICK ?     ? ? 
hydrog15 hydrog ? ? A DG 8  N1 ? ? ? 1_555 A DC  3 N3 ? ? A DG 8   A DC  3   8_575 ? ? ? ? ? ? WATSON-CRICK ?     ? ? 
hydrog16 hydrog ? ? A DG 8  N2 ? ? ? 1_555 A DC  3 O2 ? ? A DG 8   A DC  3   8_575 ? ? ? ? ? ? WATSON-CRICK ?     ? ? 
hydrog17 hydrog ? ? A DG 8  O6 ? ? ? 1_555 A DC  3 N4 ? ? A DG 8   A DC  3   8_575 ? ? ? ? ? ? WATSON-CRICK ?     ? ? 
hydrog18 hydrog ? ? A DC 9  N3 ? ? ? 1_555 A DG  2 N1 ? ? A DC 9   A DG  2   8_575 ? ? ? ? ? ? WATSON-CRICK ?     ? ? 
hydrog19 hydrog ? ? A DC 9  N4 ? ? ? 1_555 A DG  2 O6 ? ? A DC 9   A DG  2   8_575 ? ? ? ? ? ? WATSON-CRICK ?     ? ? 
hydrog20 hydrog ? ? A DC 9  O2 ? ? ? 1_555 A DG  2 N2 ? ? A DC 9   A DG  2   8_575 ? ? ? ? ? ? WATSON-CRICK ?     ? ? 
# 
loop_
_struct_conn_type.id 
_struct_conn_type.criteria 
_struct_conn_type.reference 
metalc ? ? 
hydrog ? ? 
# 
loop_
_pdbx_struct_conn_angle.id 
_pdbx_struct_conn_angle.ptnr1_label_atom_id 
_pdbx_struct_conn_angle.ptnr1_label_alt_id 
_pdbx_struct_conn_angle.ptnr1_label_asym_id 
_pdbx_struct_conn_angle.ptnr1_label_comp_id 
_pdbx_struct_conn_angle.ptnr1_label_seq_id 
_pdbx_struct_conn_angle.ptnr1_auth_atom_id 
_pdbx_struct_conn_angle.ptnr1_auth_asym_id 
_pdbx_struct_conn_angle.ptnr1_auth_comp_id 
_pdbx_struct_conn_angle.ptnr1_auth_seq_id 
_pdbx_struct_conn_angle.ptnr1_PDB_ins_code 
_pdbx_struct_conn_angle.ptnr1_symmetry 
_pdbx_struct_conn_angle.ptnr2_label_atom_id 
_pdbx_struct_conn_angle.ptnr2_label_alt_id 
_pdbx_struct_conn_angle.ptnr2_label_asym_id 
_pdbx_struct_conn_angle.ptnr2_label_comp_id 
_pdbx_struct_conn_angle.ptnr2_label_seq_id 
_pdbx_struct_conn_angle.ptnr2_auth_atom_id 
_pdbx_struct_conn_angle.ptnr2_auth_asym_id 
_pdbx_struct_conn_angle.ptnr2_auth_comp_id 
_pdbx_struct_conn_angle.ptnr2_auth_seq_id 
_pdbx_struct_conn_angle.ptnr2_PDB_ins_code 
_pdbx_struct_conn_angle.ptnr2_symmetry 
_pdbx_struct_conn_angle.ptnr3_label_atom_id 
_pdbx_struct_conn_angle.ptnr3_label_alt_id 
_pdbx_struct_conn_angle.ptnr3_label_asym_id 
_pdbx_struct_conn_angle.ptnr3_label_comp_id 
_pdbx_struct_conn_angle.ptnr3_label_seq_id 
_pdbx_struct_conn_angle.ptnr3_auth_atom_id 
_pdbx_struct_conn_angle.ptnr3_auth_asym_id 
_pdbx_struct_conn_angle.ptnr3_auth_comp_id 
_pdbx_struct_conn_angle.ptnr3_auth_seq_id 
_pdbx_struct_conn_angle.ptnr3_PDB_ins_code 
_pdbx_struct_conn_angle.ptnr3_symmetry 
_pdbx_struct_conn_angle.value 
_pdbx_struct_conn_angle.value_esd 
1  N7 ? A DG  10 ? A DG  10  ? 1_555 CO ? B CO . ? A CO 300 ? 1_555 N7 ? A DG  10 ? A DG  10  ? 6_675 176.9 ? 
2  N7 ? A DG  10 ? A DG  10  ? 1_555 CO ? B CO . ? A CO 300 ? 1_555 O  ? C HOH .  ? A HOH 324 ? 1_555 95.7  ? 
3  N7 ? A DG  10 ? A DG  10  ? 6_675 CO ? B CO . ? A CO 300 ? 1_555 O  ? C HOH .  ? A HOH 324 ? 1_555 82.3  ? 
4  N7 ? A DG  10 ? A DG  10  ? 1_555 CO ? B CO . ? A CO 300 ? 1_555 O  ? C HOH .  ? A HOH 324 ? 6_675 82.5  ? 
5  N7 ? A DG  10 ? A DG  10  ? 6_675 CO ? B CO . ? A CO 300 ? 1_555 O  ? C HOH .  ? A HOH 324 ? 6_675 95.4  ? 
6  O  ? C HOH .  ? A HOH 324 ? 1_555 CO ? B CO . ? A CO 300 ? 1_555 O  ? C HOH .  ? A HOH 324 ? 6_675 96.8  ? 
7  N7 ? A DG  10 ? A DG  10  ? 1_555 CO ? B CO . ? A CO 300 ? 1_555 O  ? C HOH .  ? A HOH 325 ? 1_555 95.1  ? 
8  N7 ? A DG  10 ? A DG  10  ? 6_675 CO ? B CO . ? A CO 300 ? 1_555 O  ? C HOH .  ? A HOH 325 ? 1_555 87.2  ? 
9  O  ? C HOH .  ? A HOH 324 ? 1_555 CO ? B CO . ? A CO 300 ? 1_555 O  ? C HOH .  ? A HOH 325 ? 1_555 166.6 ? 
10 O  ? C HOH .  ? A HOH 324 ? 6_675 CO ? B CO . ? A CO 300 ? 1_555 O  ? C HOH .  ? A HOH 325 ? 1_555 92.5  ? 
11 N7 ? A DG  10 ? A DG  10  ? 1_555 CO ? B CO . ? A CO 300 ? 1_555 O  ? C HOH .  ? A HOH 325 ? 6_675 87.6  ? 
12 N7 ? A DG  10 ? A DG  10  ? 6_675 CO ? B CO . ? A CO 300 ? 1_555 O  ? C HOH .  ? A HOH 325 ? 6_675 94.9  ? 
13 O  ? C HOH .  ? A HOH 324 ? 1_555 CO ? B CO . ? A CO 300 ? 1_555 O  ? C HOH .  ? A HOH 325 ? 6_675 92.7  ? 
14 O  ? C HOH .  ? A HOH 324 ? 6_675 CO ? B CO . ? A CO 300 ? 1_555 O  ? C HOH .  ? A HOH 325 ? 6_675 166.8 ? 
15 O  ? C HOH .  ? A HOH 325 ? 1_555 CO ? B CO . ? A CO 300 ? 1_555 O  ? C HOH .  ? A HOH 325 ? 6_675 79.8  ? 
# 
_struct_site.id                   AC1 
_struct_site.pdbx_evidence_code   Software 
_struct_site.pdbx_auth_asym_id    A 
_struct_site.pdbx_auth_comp_id    CO 
_struct_site.pdbx_auth_seq_id     300 
_struct_site.pdbx_auth_ins_code   ? 
_struct_site.pdbx_num_residues    6 
_struct_site.details              'BINDING SITE FOR RESIDUE CO A 300' 
# 
loop_
_struct_site_gen.id 
_struct_site_gen.site_id 
_struct_site_gen.pdbx_num_res 
_struct_site_gen.label_comp_id 
_struct_site_gen.label_asym_id 
_struct_site_gen.label_seq_id 
_struct_site_gen.pdbx_auth_ins_code 
_struct_site_gen.auth_comp_id 
_struct_site_gen.auth_asym_id 
_struct_site_gen.auth_seq_id 
_struct_site_gen.label_atom_id 
_struct_site_gen.label_alt_id 
_struct_site_gen.symmetry 
_struct_site_gen.details 
1 AC1 6 DG  A 10 ? DG  A 10  . ? 1_555 ? 
2 AC1 6 DG  A 10 ? DG  A 10  . ? 6_675 ? 
3 AC1 6 HOH C .  ? HOH A 324 . ? 1_555 ? 
4 AC1 6 HOH C .  ? HOH A 324 . ? 6_675 ? 
5 AC1 6 HOH C .  ? HOH A 325 . ? 1_555 ? 
6 AC1 6 HOH C .  ? HOH A 325 . ? 6_675 ? 
# 
loop_
_pdbx_validate_rmsd_angle.id 
_pdbx_validate_rmsd_angle.PDB_model_num 
_pdbx_validate_rmsd_angle.auth_atom_id_1 
_pdbx_validate_rmsd_angle.auth_asym_id_1 
_pdbx_validate_rmsd_angle.auth_comp_id_1 
_pdbx_validate_rmsd_angle.auth_seq_id_1 
_pdbx_validate_rmsd_angle.PDB_ins_code_1 
_pdbx_validate_rmsd_angle.label_alt_id_1 
_pdbx_validate_rmsd_angle.auth_atom_id_2 
_pdbx_validate_rmsd_angle.auth_asym_id_2 
_pdbx_validate_rmsd_angle.auth_comp_id_2 
_pdbx_validate_rmsd_angle.auth_seq_id_2 
_pdbx_validate_rmsd_angle.PDB_ins_code_2 
_pdbx_validate_rmsd_angle.label_alt_id_2 
_pdbx_validate_rmsd_angle.auth_atom_id_3 
_pdbx_validate_rmsd_angle.auth_asym_id_3 
_pdbx_validate_rmsd_angle.auth_comp_id_3 
_pdbx_validate_rmsd_angle.auth_seq_id_3 
_pdbx_validate_rmsd_angle.PDB_ins_code_3 
_pdbx_validate_rmsd_angle.label_alt_id_3 
_pdbx_validate_rmsd_angle.angle_value 
_pdbx_validate_rmsd_angle.angle_target_value 
_pdbx_validate_rmsd_angle.angle_deviation 
_pdbx_validate_rmsd_angle.angle_standard_deviation 
_pdbx_validate_rmsd_angle.linker_flag 
1  1 "O4'" A DC 1 ? ? "C1'" A DC 1 ? ? N1    A DC 1 ? ? 110.61 108.30 2.31   0.30 N 
2  1 C2    A DC 3 ? ? N3    A DC 3 ? ? C4    A DC 3 ? ? 123.53 119.90 3.63   0.50 N 
3  1 N3    A DC 3 ? ? C4    A DC 3 ? ? C5    A DC 3 ? ? 118.34 121.90 -3.56  0.40 N 
4  1 "O4'" A DA 4 ? ? "C1'" A DA 4 ? ? N9    A DA 4 ? ? 103.02 108.00 -4.98  0.70 N 
5  1 "O4'" A DA 5 ? ? "C1'" A DA 5 ? ? N9    A DA 5 ? ? 102.61 108.00 -5.39  0.70 N 
6  1 "O4'" A DT 6 ? ? "C1'" A DT 6 ? ? N1    A DT 6 ? ? 102.78 108.00 -5.22  0.70 N 
7  1 C2    A DT 6 ? ? N3    A DT 6 ? ? C4    A DT 6 ? ? 131.01 127.20 3.81   0.60 N 
8  1 C6    A DT 7 ? ? C5    A DT 7 ? ? C7    A DT 7 ? ? 119.01 122.90 -3.89  0.60 N 
9  1 "O4'" A DG 8 ? A "C1'" A DG 8 ? A N9    A DG 8 ? ? 103.04 108.00 -4.96  0.70 N 
10 1 P     A DC 9 ? A "O5'" A DC 9 ? ? "C5'" A DC 9 ? ? 102.67 120.90 -18.23 1.60 N 
11 1 P     A DC 9 ? B "O5'" A DC 9 ? ? "C5'" A DC 9 ? ? 136.31 120.90 15.41  1.60 N 
# 
loop_
_pdbx_struct_special_symmetry.id 
_pdbx_struct_special_symmetry.PDB_model_num 
_pdbx_struct_special_symmetry.auth_asym_id 
_pdbx_struct_special_symmetry.auth_comp_id 
_pdbx_struct_special_symmetry.auth_seq_id 
_pdbx_struct_special_symmetry.PDB_ins_code 
_pdbx_struct_special_symmetry.label_asym_id 
_pdbx_struct_special_symmetry.label_comp_id 
_pdbx_struct_special_symmetry.label_seq_id 
1 1 A CO  300 ? B CO  . 
2 1 A HOH 322 ? C HOH . 
3 1 A HOH 323 ? C HOH . 
4 1 A HOH 334 ? C HOH . 
# 
loop_
_chem_comp_atom.comp_id 
_chem_comp_atom.atom_id 
_chem_comp_atom.type_symbol 
_chem_comp_atom.pdbx_aromatic_flag 
_chem_comp_atom.pdbx_stereo_config 
_chem_comp_atom.pdbx_ordinal 
CO  CO     CO N N 1   
DA  OP3    O  N N 2   
DA  P      P  N N 3   
DA  OP1    O  N N 4   
DA  OP2    O  N N 5   
DA  "O5'"  O  N N 6   
DA  "C5'"  C  N N 7   
DA  "C4'"  C  N R 8   
DA  "O4'"  O  N N 9   
DA  "C3'"  C  N S 10  
DA  "O3'"  O  N N 11  
DA  "C2'"  C  N N 12  
DA  "C1'"  C  N R 13  
DA  N9     N  Y N 14  
DA  C8     C  Y N 15  
DA  N7     N  Y N 16  
DA  C5     C  Y N 17  
DA  C6     C  Y N 18  
DA  N6     N  N N 19  
DA  N1     N  Y N 20  
DA  C2     C  Y N 21  
DA  N3     N  Y N 22  
DA  C4     C  Y N 23  
DA  HOP3   H  N N 24  
DA  HOP2   H  N N 25  
DA  "H5'"  H  N N 26  
DA  "H5''" H  N N 27  
DA  "H4'"  H  N N 28  
DA  "H3'"  H  N N 29  
DA  "HO3'" H  N N 30  
DA  "H2'"  H  N N 31  
DA  "H2''" H  N N 32  
DA  "H1'"  H  N N 33  
DA  H8     H  N N 34  
DA  H61    H  N N 35  
DA  H62    H  N N 36  
DA  H2     H  N N 37  
DC  OP3    O  N N 38  
DC  P      P  N N 39  
DC  OP1    O  N N 40  
DC  OP2    O  N N 41  
DC  "O5'"  O  N N 42  
DC  "C5'"  C  N N 43  
DC  "C4'"  C  N R 44  
DC  "O4'"  O  N N 45  
DC  "C3'"  C  N S 46  
DC  "O3'"  O  N N 47  
DC  "C2'"  C  N N 48  
DC  "C1'"  C  N R 49  
DC  N1     N  N N 50  
DC  C2     C  N N 51  
DC  O2     O  N N 52  
DC  N3     N  N N 53  
DC  C4     C  N N 54  
DC  N4     N  N N 55  
DC  C5     C  N N 56  
DC  C6     C  N N 57  
DC  HOP3   H  N N 58  
DC  HOP2   H  N N 59  
DC  "H5'"  H  N N 60  
DC  "H5''" H  N N 61  
DC  "H4'"  H  N N 62  
DC  "H3'"  H  N N 63  
DC  "HO3'" H  N N 64  
DC  "H2'"  H  N N 65  
DC  "H2''" H  N N 66  
DC  "H1'"  H  N N 67  
DC  H41    H  N N 68  
DC  H42    H  N N 69  
DC  H5     H  N N 70  
DC  H6     H  N N 71  
DG  OP3    O  N N 72  
DG  P      P  N N 73  
DG  OP1    O  N N 74  
DG  OP2    O  N N 75  
DG  "O5'"  O  N N 76  
DG  "C5'"  C  N N 77  
DG  "C4'"  C  N R 78  
DG  "O4'"  O  N N 79  
DG  "C3'"  C  N S 80  
DG  "O3'"  O  N N 81  
DG  "C2'"  C  N N 82  
DG  "C1'"  C  N R 83  
DG  N9     N  Y N 84  
DG  C8     C  Y N 85  
DG  N7     N  Y N 86  
DG  C5     C  Y N 87  
DG  C6     C  N N 88  
DG  O6     O  N N 89  
DG  N1     N  N N 90  
DG  C2     C  N N 91  
DG  N2     N  N N 92  
DG  N3     N  N N 93  
DG  C4     C  Y N 94  
DG  HOP3   H  N N 95  
DG  HOP2   H  N N 96  
DG  "H5'"  H  N N 97  
DG  "H5''" H  N N 98  
DG  "H4'"  H  N N 99  
DG  "H3'"  H  N N 100 
DG  "HO3'" H  N N 101 
DG  "H2'"  H  N N 102 
DG  "H2''" H  N N 103 
DG  "H1'"  H  N N 104 
DG  H8     H  N N 105 
DG  H1     H  N N 106 
DG  H21    H  N N 107 
DG  H22    H  N N 108 
DT  OP3    O  N N 109 
DT  P      P  N N 110 
DT  OP1    O  N N 111 
DT  OP2    O  N N 112 
DT  "O5'"  O  N N 113 
DT  "C5'"  C  N N 114 
DT  "C4'"  C  N R 115 
DT  "O4'"  O  N N 116 
DT  "C3'"  C  N S 117 
DT  "O3'"  O  N N 118 
DT  "C2'"  C  N N 119 
DT  "C1'"  C  N R 120 
DT  N1     N  N N 121 
DT  C2     C  N N 122 
DT  O2     O  N N 123 
DT  N3     N  N N 124 
DT  C4     C  N N 125 
DT  O4     O  N N 126 
DT  C5     C  N N 127 
DT  C7     C  N N 128 
DT  C6     C  N N 129 
DT  HOP3   H  N N 130 
DT  HOP2   H  N N 131 
DT  "H5'"  H  N N 132 
DT  "H5''" H  N N 133 
DT  "H4'"  H  N N 134 
DT  "H3'"  H  N N 135 
DT  "HO3'" H  N N 136 
DT  "H2'"  H  N N 137 
DT  "H2''" H  N N 138 
DT  "H1'"  H  N N 139 
DT  H3     H  N N 140 
DT  H71    H  N N 141 
DT  H72    H  N N 142 
DT  H73    H  N N 143 
DT  H6     H  N N 144 
HOH O      O  N N 145 
HOH H1     H  N N 146 
HOH H2     H  N N 147 
# 
loop_
_chem_comp_bond.comp_id 
_chem_comp_bond.atom_id_1 
_chem_comp_bond.atom_id_2 
_chem_comp_bond.value_order 
_chem_comp_bond.pdbx_aromatic_flag 
_chem_comp_bond.pdbx_stereo_config 
_chem_comp_bond.pdbx_ordinal 
DA  OP3   P      sing N N 1   
DA  OP3   HOP3   sing N N 2   
DA  P     OP1    doub N N 3   
DA  P     OP2    sing N N 4   
DA  P     "O5'"  sing N N 5   
DA  OP2   HOP2   sing N N 6   
DA  "O5'" "C5'"  sing N N 7   
DA  "C5'" "C4'"  sing N N 8   
DA  "C5'" "H5'"  sing N N 9   
DA  "C5'" "H5''" sing N N 10  
DA  "C4'" "O4'"  sing N N 11  
DA  "C4'" "C3'"  sing N N 12  
DA  "C4'" "H4'"  sing N N 13  
DA  "O4'" "C1'"  sing N N 14  
DA  "C3'" "O3'"  sing N N 15  
DA  "C3'" "C2'"  sing N N 16  
DA  "C3'" "H3'"  sing N N 17  
DA  "O3'" "HO3'" sing N N 18  
DA  "C2'" "C1'"  sing N N 19  
DA  "C2'" "H2'"  sing N N 20  
DA  "C2'" "H2''" sing N N 21  
DA  "C1'" N9     sing N N 22  
DA  "C1'" "H1'"  sing N N 23  
DA  N9    C8     sing Y N 24  
DA  N9    C4     sing Y N 25  
DA  C8    N7     doub Y N 26  
DA  C8    H8     sing N N 27  
DA  N7    C5     sing Y N 28  
DA  C5    C6     sing Y N 29  
DA  C5    C4     doub Y N 30  
DA  C6    N6     sing N N 31  
DA  C6    N1     doub Y N 32  
DA  N6    H61    sing N N 33  
DA  N6    H62    sing N N 34  
DA  N1    C2     sing Y N 35  
DA  C2    N3     doub Y N 36  
DA  C2    H2     sing N N 37  
DA  N3    C4     sing Y N 38  
DC  OP3   P      sing N N 39  
DC  OP3   HOP3   sing N N 40  
DC  P     OP1    doub N N 41  
DC  P     OP2    sing N N 42  
DC  P     "O5'"  sing N N 43  
DC  OP2   HOP2   sing N N 44  
DC  "O5'" "C5'"  sing N N 45  
DC  "C5'" "C4'"  sing N N 46  
DC  "C5'" "H5'"  sing N N 47  
DC  "C5'" "H5''" sing N N 48  
DC  "C4'" "O4'"  sing N N 49  
DC  "C4'" "C3'"  sing N N 50  
DC  "C4'" "H4'"  sing N N 51  
DC  "O4'" "C1'"  sing N N 52  
DC  "C3'" "O3'"  sing N N 53  
DC  "C3'" "C2'"  sing N N 54  
DC  "C3'" "H3'"  sing N N 55  
DC  "O3'" "HO3'" sing N N 56  
DC  "C2'" "C1'"  sing N N 57  
DC  "C2'" "H2'"  sing N N 58  
DC  "C2'" "H2''" sing N N 59  
DC  "C1'" N1     sing N N 60  
DC  "C1'" "H1'"  sing N N 61  
DC  N1    C2     sing N N 62  
DC  N1    C6     sing N N 63  
DC  C2    O2     doub N N 64  
DC  C2    N3     sing N N 65  
DC  N3    C4     doub N N 66  
DC  C4    N4     sing N N 67  
DC  C4    C5     sing N N 68  
DC  N4    H41    sing N N 69  
DC  N4    H42    sing N N 70  
DC  C5    C6     doub N N 71  
DC  C5    H5     sing N N 72  
DC  C6    H6     sing N N 73  
DG  OP3   P      sing N N 74  
DG  OP3   HOP3   sing N N 75  
DG  P     OP1    doub N N 76  
DG  P     OP2    sing N N 77  
DG  P     "O5'"  sing N N 78  
DG  OP2   HOP2   sing N N 79  
DG  "O5'" "C5'"  sing N N 80  
DG  "C5'" "C4'"  sing N N 81  
DG  "C5'" "H5'"  sing N N 82  
DG  "C5'" "H5''" sing N N 83  
DG  "C4'" "O4'"  sing N N 84  
DG  "C4'" "C3'"  sing N N 85  
DG  "C4'" "H4'"  sing N N 86  
DG  "O4'" "C1'"  sing N N 87  
DG  "C3'" "O3'"  sing N N 88  
DG  "C3'" "C2'"  sing N N 89  
DG  "C3'" "H3'"  sing N N 90  
DG  "O3'" "HO3'" sing N N 91  
DG  "C2'" "C1'"  sing N N 92  
DG  "C2'" "H2'"  sing N N 93  
DG  "C2'" "H2''" sing N N 94  
DG  "C1'" N9     sing N N 95  
DG  "C1'" "H1'"  sing N N 96  
DG  N9    C8     sing Y N 97  
DG  N9    C4     sing Y N 98  
DG  C8    N7     doub Y N 99  
DG  C8    H8     sing N N 100 
DG  N7    C5     sing Y N 101 
DG  C5    C6     sing N N 102 
DG  C5    C4     doub Y N 103 
DG  C6    O6     doub N N 104 
DG  C6    N1     sing N N 105 
DG  N1    C2     sing N N 106 
DG  N1    H1     sing N N 107 
DG  C2    N2     sing N N 108 
DG  C2    N3     doub N N 109 
DG  N2    H21    sing N N 110 
DG  N2    H22    sing N N 111 
DG  N3    C4     sing N N 112 
DT  OP3   P      sing N N 113 
DT  OP3   HOP3   sing N N 114 
DT  P     OP1    doub N N 115 
DT  P     OP2    sing N N 116 
DT  P     "O5'"  sing N N 117 
DT  OP2   HOP2   sing N N 118 
DT  "O5'" "C5'"  sing N N 119 
DT  "C5'" "C4'"  sing N N 120 
DT  "C5'" "H5'"  sing N N 121 
DT  "C5'" "H5''" sing N N 122 
DT  "C4'" "O4'"  sing N N 123 
DT  "C4'" "C3'"  sing N N 124 
DT  "C4'" "H4'"  sing N N 125 
DT  "O4'" "C1'"  sing N N 126 
DT  "C3'" "O3'"  sing N N 127 
DT  "C3'" "C2'"  sing N N 128 
DT  "C3'" "H3'"  sing N N 129 
DT  "O3'" "HO3'" sing N N 130 
DT  "C2'" "C1'"  sing N N 131 
DT  "C2'" "H2'"  sing N N 132 
DT  "C2'" "H2''" sing N N 133 
DT  "C1'" N1     sing N N 134 
DT  "C1'" "H1'"  sing N N 135 
DT  N1    C2     sing N N 136 
DT  N1    C6     sing N N 137 
DT  C2    O2     doub N N 138 
DT  C2    N3     sing N N 139 
DT  N3    C4     sing N N 140 
DT  N3    H3     sing N N 141 
DT  C4    O4     doub N N 142 
DT  C4    C5     sing N N 143 
DT  C5    C7     sing N N 144 
DT  C5    C6     doub N N 145 
DT  C7    H71    sing N N 146 
DT  C7    H72    sing N N 147 
DT  C7    H73    sing N N 148 
DT  C6    H6     sing N N 149 
HOH O     H1     sing N N 150 
HOH O     H2     sing N N 151 
# 
_ndb_struct_conf_na.entry_id   1S23 
_ndb_struct_conf_na.feature    'b-form double helix' 
# 
loop_
_ndb_struct_na_base_pair.model_number 
_ndb_struct_na_base_pair.i_label_asym_id 
_ndb_struct_na_base_pair.i_label_comp_id 
_ndb_struct_na_base_pair.i_label_seq_id 
_ndb_struct_na_base_pair.i_symmetry 
_ndb_struct_na_base_pair.j_label_asym_id 
_ndb_struct_na_base_pair.j_label_comp_id 
_ndb_struct_na_base_pair.j_label_seq_id 
_ndb_struct_na_base_pair.j_symmetry 
_ndb_struct_na_base_pair.shear 
_ndb_struct_na_base_pair.stretch 
_ndb_struct_na_base_pair.stagger 
_ndb_struct_na_base_pair.buckle 
_ndb_struct_na_base_pair.propeller 
_ndb_struct_na_base_pair.opening 
_ndb_struct_na_base_pair.pair_number 
_ndb_struct_na_base_pair.pair_name 
_ndb_struct_na_base_pair.i_auth_asym_id 
_ndb_struct_na_base_pair.i_auth_seq_id 
_ndb_struct_na_base_pair.i_PDB_ins_code 
_ndb_struct_na_base_pair.j_auth_asym_id 
_ndb_struct_na_base_pair.j_auth_seq_id 
_ndb_struct_na_base_pair.j_PDB_ins_code 
_ndb_struct_na_base_pair.hbond_type_28 
_ndb_struct_na_base_pair.hbond_type_12 
1 A DG 2 1_555 A DC 9 8_575 -0.371 -0.151 0.079  -3.138 -2.233  -0.170 1 A_DG2:DC9_A A 2 ? A 9 ? 19 1 
1 A DC 3 1_555 A DG 8 8_575 0.253  -0.166 0.044  5.746  -5.679  1.238  2 A_DC3:DG8_A A 3 ? A 8 ? 19 1 
1 A DA 4 1_555 A DT 7 8_575 -0.186 -0.131 -0.132 3.972  -16.309 2.111  3 A_DA4:DT7_A A 4 ? A 7 ? 20 1 
1 A DA 5 1_555 A DT 6 8_575 -0.030 -0.033 0.137  1.733  -16.885 4.931  4 A_DA5:DT6_A A 5 ? A 6 ? 20 1 
1 A DT 6 1_555 A DA 5 8_575 0.030  -0.033 0.137  -1.733 -16.885 4.931  5 A_DT6:DA5_A A 6 ? A 5 ? 20 1 
1 A DT 7 1_555 A DA 4 8_575 0.186  -0.131 -0.132 -3.972 -16.309 2.111  6 A_DT7:DA4_A A 7 ? A 4 ? 20 1 
1 A DG 8 1_555 A DC 3 8_575 -0.253 -0.166 0.044  -5.746 -5.679  1.238  7 A_DG8:DC3_A A 8 ? A 3 ? 19 1 
1 A DC 9 1_555 A DG 2 8_575 0.371  -0.151 0.079  3.138  -2.233  -0.170 8 A_DC9:DG2_A A 9 ? A 2 ? 19 1 
# 
loop_
_ndb_struct_na_base_pair_step.model_number 
_ndb_struct_na_base_pair_step.i_label_asym_id_1 
_ndb_struct_na_base_pair_step.i_label_comp_id_1 
_ndb_struct_na_base_pair_step.i_label_seq_id_1 
_ndb_struct_na_base_pair_step.i_symmetry_1 
_ndb_struct_na_base_pair_step.j_label_asym_id_1 
_ndb_struct_na_base_pair_step.j_label_comp_id_1 
_ndb_struct_na_base_pair_step.j_label_seq_id_1 
_ndb_struct_na_base_pair_step.j_symmetry_1 
_ndb_struct_na_base_pair_step.i_label_asym_id_2 
_ndb_struct_na_base_pair_step.i_label_comp_id_2 
_ndb_struct_na_base_pair_step.i_label_seq_id_2 
_ndb_struct_na_base_pair_step.i_symmetry_2 
_ndb_struct_na_base_pair_step.j_label_asym_id_2 
_ndb_struct_na_base_pair_step.j_label_comp_id_2 
_ndb_struct_na_base_pair_step.j_label_seq_id_2 
_ndb_struct_na_base_pair_step.j_symmetry_2 
_ndb_struct_na_base_pair_step.shift 
_ndb_struct_na_base_pair_step.slide 
_ndb_struct_na_base_pair_step.rise 
_ndb_struct_na_base_pair_step.tilt 
_ndb_struct_na_base_pair_step.roll 
_ndb_struct_na_base_pair_step.twist 
_ndb_struct_na_base_pair_step.x_displacement 
_ndb_struct_na_base_pair_step.y_displacement 
_ndb_struct_na_base_pair_step.helical_rise 
_ndb_struct_na_base_pair_step.inclination 
_ndb_struct_na_base_pair_step.tip 
_ndb_struct_na_base_pair_step.helical_twist 
_ndb_struct_na_base_pair_step.step_number 
_ndb_struct_na_base_pair_step.step_name 
_ndb_struct_na_base_pair_step.i_auth_asym_id_1 
_ndb_struct_na_base_pair_step.i_auth_seq_id_1 
_ndb_struct_na_base_pair_step.i_PDB_ins_code_1 
_ndb_struct_na_base_pair_step.j_auth_asym_id_1 
_ndb_struct_na_base_pair_step.j_auth_seq_id_1 
_ndb_struct_na_base_pair_step.j_PDB_ins_code_1 
_ndb_struct_na_base_pair_step.i_auth_asym_id_2 
_ndb_struct_na_base_pair_step.i_auth_seq_id_2 
_ndb_struct_na_base_pair_step.i_PDB_ins_code_2 
_ndb_struct_na_base_pair_step.j_auth_asym_id_2 
_ndb_struct_na_base_pair_step.j_auth_seq_id_2 
_ndb_struct_na_base_pair_step.j_PDB_ins_code_2 
1 A DG 2 1_555 A DC 9 8_575 A DC 3 1_555 A DG 8 8_575 0.133  -0.162 3.137 0.129  -0.124 31.876 -0.273 -0.220 3.138 -0.226 -0.234 
31.877 1 AA_DG2DC3:DG8DC9_AA A 2 ? A 9 ? A 3 ? A 8 ? 
1 A DC 3 1_555 A DG 8 8_575 A DA 4 1_555 A DT 7 8_575 -0.404 0.009  3.294 2.197  6.153  32.964 -0.995 1.060  3.210 10.713 -3.825 
33.588 2 AA_DC3DA4:DT7DG8_AA A 3 ? A 8 ? A 4 ? A 7 ? 
1 A DA 4 1_555 A DT 7 8_575 A DA 5 1_555 A DT 6 8_575 0.147  -0.262 3.265 -2.963 -0.099 36.459 -0.404 -0.641 3.244 -0.158 4.727  
36.575 3 AA_DA4DA5:DT6DT7_AA A 4 ? A 7 ? A 5 ? A 6 ? 
1 A DA 5 1_555 A DT 6 8_575 A DT 6 1_555 A DA 5 8_575 0.000  -0.448 3.330 0.000  -4.869 34.964 0.002  0.000  3.360 -8.056 0.000  
35.291 4 AA_DA5DT6:DA5DT6_AA A 5 ? A 6 ? A 6 ? A 5 ? 
1 A DT 6 1_555 A DA 5 8_575 A DT 7 1_555 A DA 4 8_575 -0.147 -0.262 3.265 2.963  -0.099 36.459 -0.404 0.641  3.244 -0.158 -4.727 
36.575 5 AA_DT6DT7:DA4DA5_AA A 6 ? A 5 ? A 7 ? A 4 ? 
1 A DT 7 1_555 A DA 4 8_575 A DG 8 1_555 A DC 3 8_575 0.404  0.009  3.294 -2.197 6.153  32.964 -0.995 -1.060 3.210 10.713 3.825  
33.588 6 AA_DT7DG8:DC3DA4_AA A 7 ? A 4 ? A 8 ? A 3 ? 
1 A DG 8 1_555 A DC 3 8_575 A DC 9 1_555 A DG 2 8_575 -0.133 -0.162 3.137 -0.129 -0.124 31.876 -0.273 0.220  3.138 -0.226 0.234  
31.877 7 AA_DG8DC9:DG2DC3_AA A 8 ? A 3 ? A 9 ? A 2 ? 
# 
_pdbx_initial_refinement_model.accession_code   237D 
_pdbx_initial_refinement_model.id               1 
_pdbx_initial_refinement_model.entity_id_list   ? 
_pdbx_initial_refinement_model.type             'experimental model' 
_pdbx_initial_refinement_model.source_name      PDB 
_pdbx_initial_refinement_model.details          'NDB ENTRY UDJ031' 
# 
_atom_sites.entry_id                    1S23 
_atom_sites.fract_transf_matrix[1][1]   -0.01107625 
_atom_sites.fract_transf_matrix[1][2]   -0.02021103 
_atom_sites.fract_transf_matrix[1][3]   -0.03038773 
_atom_sites.fract_transf_matrix[2][1]   -0.00627205 
_atom_sites.fract_transf_matrix[2][2]   0.01901367 
_atom_sites.fract_transf_matrix[2][3]   -0.01035994 
_atom_sites.fract_transf_matrix[3][1]   0.01749358 
_atom_sites.fract_transf_matrix[3][2]   0.00168552 
_atom_sites.fract_transf_matrix[3][3]   -0.00749741 
_atom_sites.fract_transf_vector[1]      0.762704 
_atom_sites.fract_transf_vector[2]      1.002752 
_atom_sites.fract_transf_vector[3]      0.249838 
# 
loop_
_atom_type.symbol 
C  
CO 
N  
O  
P  
# 
loop_
_atom_site.group_PDB 
_atom_site.id 
_atom_site.type_symbol 
_atom_site.label_atom_id 
_atom_site.label_alt_id 
_atom_site.label_comp_id 
_atom_site.label_asym_id 
_atom_site.label_entity_id 
_atom_site.label_seq_id 
_atom_site.pdbx_PDB_ins_code 
_atom_site.Cartn_x 
_atom_site.Cartn_y 
_atom_site.Cartn_z 
_atom_site.occupancy 
_atom_site.B_iso_or_equiv 
_atom_site.pdbx_formal_charge 
_atom_site.auth_seq_id 
_atom_site.auth_comp_id 
_atom_site.auth_asym_id 
_atom_site.auth_atom_id 
_atom_site.pdbx_PDB_model_num 
ATOM   1   O  "O5'" . DC  A 1 1  ? 9.501   3.042   -11.041 1.00 61.53 ? 1   DC  A "O5'" 1 
ATOM   2   C  "C5'" . DC  A 1 1  ? 9.375   3.544   -12.390 1.00 59.46 ? 1   DC  A "C5'" 1 
ATOM   3   C  "C4'" . DC  A 1 1  ? 10.029  2.644   -13.438 1.00 58.35 ? 1   DC  A "C4'" 1 
ATOM   4   O  "O4'" . DC  A 1 1  ? 11.392  3.089   -13.698 1.00 57.30 ? 1   DC  A "O4'" 1 
ATOM   5   C  "C3'" . DC  A 1 1  ? 10.117  1.147   -13.099 1.00 56.72 ? 1   DC  A "C3'" 1 
ATOM   6   O  "O3'" . DC  A 1 1  ? 9.371   0.371   -14.046 1.00 53.93 ? 1   DC  A "O3'" 1 
ATOM   7   C  "C2'" . DC  A 1 1  ? 11.597  0.783   -13.170 1.00 56.41 ? 1   DC  A "C2'" 1 
ATOM   8   C  "C1'" . DC  A 1 1  ? 12.320  2.131   -13.221 1.00 56.01 ? 1   DC  A "C1'" 1 
ATOM   9   N  N1    . DC  A 1 1  ? 12.905  2.571   -11.879 1.00 54.44 ? 1   DC  A N1    1 
ATOM   10  C  C2    . DC  A 1 1  ? 13.960  1.810   -11.325 1.00 54.33 ? 1   DC  A C2    1 
ATOM   11  O  O2    . DC  A 1 1  ? 14.380  0.786   -11.928 1.00 56.49 ? 1   DC  A O2    1 
ATOM   12  N  N3    . DC  A 1 1  ? 14.481  2.216   -10.125 1.00 51.85 ? 1   DC  A N3    1 
ATOM   13  C  C4    . DC  A 1 1  ? 14.010  3.317   -9.494  1.00 50.80 ? 1   DC  A C4    1 
ATOM   14  N  N4    . DC  A 1 1  ? 14.559  3.664   -8.321  1.00 46.24 ? 1   DC  A N4    1 
ATOM   15  C  C5    . DC  A 1 1  ? 12.946  4.100   -10.056 1.00 51.66 ? 1   DC  A C5    1 
ATOM   16  C  C6    . DC  A 1 1  ? 12.438  3.703   -11.239 1.00 52.69 ? 1   DC  A C6    1 
ATOM   17  P  P     . DG  A 1 2  ? 8.199   -0.595  -13.527 1.00 50.01 ? 2   DG  A P     1 
ATOM   18  O  OP1   . DG  A 1 2  ? 7.934   -1.516  -14.658 1.00 53.56 ? 2   DG  A OP1   1 
ATOM   19  O  OP2   . DG  A 1 2  ? 7.122   0.211   -12.908 1.00 48.11 ? 2   DG  A OP2   1 
ATOM   20  O  "O5'" . DG  A 1 2  ? 8.956   -1.471  -12.398 1.00 43.58 ? 2   DG  A "O5'" 1 
ATOM   21  C  "C5'" . DG  A 1 2  ? 9.899   -2.482  -12.709 1.00 40.03 ? 2   DG  A "C5'" 1 
ATOM   22  C  "C4'" . DG  A 1 2  ? 9.687   -3.659  -11.778 1.00 35.74 ? 2   DG  A "C4'" 1 
ATOM   23  O  "O4'" . DG  A 1 2  ? 10.029  -3.293  -10.410 1.00 33.30 ? 2   DG  A "O4'" 1 
ATOM   24  C  "C3'" . DG  A 1 2  ? 8.241   -4.090  -11.731 1.00 34.49 ? 2   DG  A "C3'" 1 
ATOM   25  O  "O3'" . DG  A 1 2  ? 8.238   -5.485  -11.602 1.00 35.76 ? 2   DG  A "O3'" 1 
ATOM   26  C  "C2'" . DG  A 1 2  ? 7.678   -3.357  -10.507 1.00 33.24 ? 2   DG  A "C2'" 1 
ATOM   27  C  "C1'" . DG  A 1 2  ? 8.881   -3.269  -9.577  1.00 30.82 ? 2   DG  A "C1'" 1 
ATOM   28  N  N9    . DG  A 1 2  ? 8.980   -2.031  -8.803  1.00 28.37 ? 2   DG  A N9    1 
ATOM   29  C  C8    . DG  A 1 2  ? 8.721   -0.749  -9.194  1.00 28.10 ? 2   DG  A C8    1 
ATOM   30  N  N7    . DG  A 1 2  ? 8.918   0.141   -8.279  1.00 27.16 ? 2   DG  A N7    1 
ATOM   31  C  C5    . DG  A 1 2  ? 9.415   -0.592  -7.218  1.00 26.96 ? 2   DG  A C5    1 
ATOM   32  C  C6    . DG  A 1 2  ? 9.850   -0.168  -5.945  1.00 25.58 ? 2   DG  A C6    1 
ATOM   33  O  O6    . DG  A 1 2  ? 9.894   0.978   -5.497  1.00 24.50 ? 2   DG  A O6    1 
ATOM   34  N  N1    . DG  A 1 2  ? 10.288  -1.245  -5.160  1.00 22.76 ? 2   DG  A N1    1 
ATOM   35  C  C2    . DG  A 1 2  ? 10.286  -2.571  -5.541  1.00 23.71 ? 2   DG  A C2    1 
ATOM   36  N  N2    . DG  A 1 2  ? 10.748  -3.473  -4.629  1.00 21.08 ? 2   DG  A N2    1 
ATOM   37  N  N3    . DG  A 1 2  ? 9.873   -2.961  -6.729  1.00 25.44 ? 2   DG  A N3    1 
ATOM   38  C  C4    . DG  A 1 2  ? 9.489   -1.927  -7.526  1.00 26.55 ? 2   DG  A C4    1 
ATOM   39  P  P     . DC  A 1 3  ? 6.927   -6.373  -11.477 1.00 38.49 ? 3   DC  A P     1 
ATOM   40  O  OP1   . DC  A 1 3  ? 7.449   -7.653  -12.006 1.00 37.84 ? 3   DC  A OP1   1 
ATOM   41  O  OP2   . DC  A 1 3  ? 5.729   -5.676  -11.995 1.00 38.07 ? 3   DC  A OP2   1 
ATOM   42  O  "O5'" . DC  A 1 3  ? 6.687   -6.564  -9.905  1.00 33.24 ? 3   DC  A "O5'" 1 
ATOM   43  C  "C5'" . DC  A 1 3  ? 7.696   -7.208  -9.156  1.00 32.17 ? 3   DC  A "C5'" 1 
ATOM   44  C  "C4'" . DC  A 1 3  ? 7.374   -7.067  -7.673  1.00 26.99 ? 3   DC  A "C4'" 1 
ATOM   45  O  "O4'" . DC  A 1 3  ? 7.514   -5.683  -7.346  1.00 26.28 ? 3   DC  A "O4'" 1 
ATOM   46  C  "C3'" . DC  A 1 3  ? 5.952   -7.430  -7.286  1.00 29.68 ? 3   DC  A "C3'" 1 
ATOM   47  O  "O3'" . DC  A 1 3  ? 5.942   -8.674  -6.664  1.00 31.69 ? 3   DC  A "O3'" 1 
ATOM   48  C  "C2'" . DC  A 1 3  ? 5.463   -6.250  -6.428  1.00 29.19 ? 3   DC  A "C2'" 1 
ATOM   49  C  "C1'" . DC  A 1 3  ? 6.723   -5.448  -6.210  1.00 26.66 ? 3   DC  A "C1'" 1 
ATOM   50  N  N1    . DC  A 1 3  ? 6.545   -3.998  -6.104  1.00 22.01 ? 3   DC  A N1    1 
ATOM   51  C  C2    . DC  A 1 3  ? 7.052   -3.334  -4.997  1.00 22.38 ? 3   DC  A C2    1 
ATOM   52  O  O2    . DC  A 1 3  ? 7.587   -4.004  -4.060  1.00 23.69 ? 3   DC  A O2    1 
ATOM   53  N  N3    . DC  A 1 3  ? 6.907   -1.985  -4.943  1.00 22.66 ? 3   DC  A N3    1 
ATOM   54  C  C4    . DC  A 1 3  ? 6.343   -1.267  -5.910  1.00 26.94 ? 3   DC  A C4    1 
ATOM   55  N  N4    . DC  A 1 3  ? 6.244   0.100   -5.785  1.00 25.39 ? 3   DC  A N4    1 
ATOM   56  C  C5    . DC  A 1 3  ? 5.859   -1.948  -7.062  1.00 25.34 ? 3   DC  A C5    1 
ATOM   57  C  C6    . DC  A 1 3  ? 5.985   -3.265  -7.127  1.00 24.52 ? 3   DC  A C6    1 
ATOM   58  P  P     . DA  A 1 4  ? 4.641   -9.201  -5.950  1.00 34.49 ? 4   DA  A P     1 
ATOM   59  O  OP1   . DA  A 1 4  ? 4.752   -10.685 -6.005  1.00 34.27 ? 4   DA  A OP1   1 
ATOM   60  O  OP2   . DA  A 1 4  ? 3.437   -8.456  -6.430  1.00 36.02 ? 4   DA  A OP2   1 
ATOM   61  O  "O5'" . DA  A 1 4  ? 4.835   -8.810  -4.417  1.00 31.47 ? 4   DA  A "O5'" 1 
ATOM   62  C  "C5'" . DA  A 1 4  ? 6.047   -9.055  -3.797  1.00 29.29 ? 4   DA  A "C5'" 1 
ATOM   63  C  "C4'" . DA  A 1 4  ? 5.943   -8.642  -2.334  1.00 28.79 ? 4   DA  A "C4'" 1 
ATOM   64  O  "O4'" . DA  A 1 4  ? 5.949   -7.197  -2.375  1.00 27.95 ? 4   DA  A "O4'" 1 
ATOM   65  C  "C3'" . DA  A 1 4  ? 4.685   -9.040  -1.566  1.00 30.35 ? 4   DA  A "C3'" 1 
ATOM   66  O  "O3'" . DA  A 1 4  ? 5.029   -9.512  -0.275  1.00 33.12 ? 4   DA  A "O3'" 1 
ATOM   67  C  "C2'" . DA  A 1 4  ? 3.873   -7.756  -1.554  1.00 26.65 ? 4   DA  A "C2'" 1 
ATOM   68  C  "C1'" . DA  A 1 4  ? 4.916   -6.698  -1.565  1.00 26.60 ? 4   DA  A "C1'" 1 
ATOM   69  N  N9    . DA  A 1 4  ? 4.549   -5.458  -2.230  1.00 23.40 ? 4   DA  A N9    1 
ATOM   70  C  C8    . DA  A 1 4  ? 3.915   -5.355  -3.418  1.00 23.71 ? 4   DA  A C8    1 
ATOM   71  N  N7    . DA  A 1 4  ? 3.727   -4.124  -3.808  1.00 24.32 ? 4   DA  A N7    1 
ATOM   72  C  C5    . DA  A 1 4  ? 4.263   -3.370  -2.779  1.00 21.20 ? 4   DA  A C5    1 
ATOM   73  C  C6    . DA  A 1 4  ? 4.308   -1.990  -2.581  1.00 24.64 ? 4   DA  A C6    1 
ATOM   74  N  N6    . DA  A 1 4  ? 3.827   -1.154  -3.485  1.00 22.83 ? 4   DA  A N6    1 
ATOM   75  N  N1    . DA  A 1 4  ? 4.852   -1.524  -1.451  1.00 24.57 ? 4   DA  A N1    1 
ATOM   76  C  C2    . DA  A 1 4  ? 5.358   -2.436  -0.603  1.00 22.01 ? 4   DA  A C2    1 
ATOM   77  N  N3    . DA  A 1 4  ? 5.330   -3.788  -0.644  1.00 26.50 ? 4   DA  A N3    1 
ATOM   78  C  C4    . DA  A 1 4  ? 4.756   -4.183  -1.781  1.00 25.18 ? 4   DA  A C4    1 
ATOM   79  P  P     . DA  A 1 5  ? 3.949   -9.970  0.841   1.00 36.90 ? 5   DA  A P     1 
ATOM   80  O  OP1   . DA  A 1 5  ? 4.590   -11.011 1.667   1.00 36.79 ? 5   DA  A OP1   1 
ATOM   81  O  OP2   . DA  A 1 5  ? 2.629   -10.175 0.225   1.00 36.73 ? 5   DA  A OP2   1 
ATOM   82  O  "O5'" . DA  A 1 5  ? 3.851   -8.669  1.759   1.00 35.83 ? 5   DA  A "O5'" 1 
ATOM   83  C  "C5'" . DA  A 1 5  ? 4.999   -7.999  2.176   1.00 33.94 ? 5   DA  A "C5'" 1 
ATOM   84  C  "C4'" . DA  A 1 5  ? 4.625   -6.767  2.953   1.00 33.51 ? 5   DA  A "C4'" 1 
ATOM   85  O  "O4'" . DA  A 1 5  ? 4.286   -5.677  2.029   1.00 31.53 ? 5   DA  A "O4'" 1 
ATOM   86  C  "C3'" . DA  A 1 5  ? 3.456   -6.946  3.955   1.00 31.72 ? 5   DA  A "C3'" 1 
ATOM   87  O  "O3'" . DA  A 1 5  ? 3.922   -6.474  5.217   1.00 35.13 ? 5   DA  A "O3'" 1 
ATOM   88  C  "C2'" . DA  A 1 5  ? 2.362   -6.104  3.314   1.00 30.99 ? 5   DA  A "C2'" 1 
ATOM   89  C  "C1'" . DA  A 1 5  ? 3.124   -5.039  2.543   1.00 28.64 ? 5   DA  A "C1'" 1 
ATOM   90  N  N9    . DA  A 1 5  ? 2.492   -4.518  1.342   1.00 25.64 ? 5   DA  A N9    1 
ATOM   91  C  C8    . DA  A 1 5  ? 1.994   -5.281  0.330   1.00 27.13 ? 5   DA  A C8    1 
ATOM   92  N  N7    . DA  A 1 5  ? 1.499   -4.594  -0.661  1.00 26.50 ? 5   DA  A N7    1 
ATOM   93  C  C5    . DA  A 1 5  ? 1.700   -3.279  -0.261  1.00 22.56 ? 5   DA  A C5    1 
ATOM   94  C  C6    . DA  A 1 5  ? 1.408   -2.052  -0.884  1.00 20.55 ? 5   DA  A C6    1 
ATOM   95  N  N6    . DA  A 1 5  ? 0.799   -1.962  -2.076  1.00 23.61 ? 5   DA  A N6    1 
ATOM   96  N  N1    . DA  A 1 5  ? 1.732   -0.915  -0.233  1.00 25.50 ? 5   DA  A N1    1 
ATOM   97  C  C2    . DA  A 1 5  ? 2.333   -1.017  0.957   1.00 23.38 ? 5   DA  A C2    1 
ATOM   98  N  N3    . DA  A 1 5  ? 2.675   -2.117  1.627   1.00 25.12 ? 5   DA  A N3    1 
ATOM   99  C  C4    . DA  A 1 5  ? 2.331   -3.217  0.956   1.00 24.98 ? 5   DA  A C4    1 
ATOM   100 P  P     . DT  A 1 6  ? 3.016   -6.397  6.555   1.00 34.91 ? 6   DT  A P     1 
ATOM   101 O  OP1   . DT  A 1 6  ? 3.998   -6.381  7.647   1.00 39.65 ? 6   DT  A OP1   1 
ATOM   102 O  OP2   . DT  A 1 6  ? 1.881   -7.338  6.488   1.00 38.81 ? 6   DT  A OP2   1 
ATOM   103 O  "O5'" . DT  A 1 6  ? 2.434   -4.917  6.487   1.00 31.50 ? 6   DT  A "O5'" 1 
ATOM   104 C  "C5'" . DT  A 1 6  ? 3.351   -3.880  6.504   1.00 30.33 ? 6   DT  A "C5'" 1 
ATOM   105 C  "C4'" . DT  A 1 6  ? 2.664   -2.565  6.271   1.00 32.49 ? 6   DT  A "C4'" 1 
ATOM   106 O  "O4'" . DT  A 1 6  ? 2.027   -2.548  4.966   1.00 32.31 ? 6   DT  A "O4'" 1 
ATOM   107 C  "C3'" . DT  A 1 6  ? 1.567   -2.246  7.292   1.00 34.08 ? 6   DT  A "C3'" 1 
ATOM   108 O  "O3'" . DT  A 1 6  ? 1.924   -1.065  8.032   1.00 36.05 ? 6   DT  A "O3'" 1 
ATOM   109 C  "C2'" . DT  A 1 6  ? 0.311   -2.107  6.432   1.00 31.56 ? 6   DT  A "C2'" 1 
ATOM   110 C  "C1'" . DT  A 1 6  ? 0.878   -1.733  5.074   1.00 31.25 ? 6   DT  A "C1'" 1 
ATOM   111 N  N1    . DT  A 1 6  ? 0.117   -2.083  3.866   1.00 26.09 ? 6   DT  A N1    1 
ATOM   112 C  C2    . DT  A 1 6  ? -0.264  -1.106  2.972   1.00 23.60 ? 6   DT  A C2    1 
ATOM   113 O  O2    . DT  A 1 6  ? -0.064  0.095   3.084   1.00 26.40 ? 6   DT  A O2    1 
ATOM   114 N  N3    . DT  A 1 6  ? -0.929  -1.606  1.891   1.00 22.06 ? 6   DT  A N3    1 
ATOM   115 C  C4    . DT  A 1 6  ? -1.266  -2.878  1.564   1.00 22.67 ? 6   DT  A C4    1 
ATOM   116 O  O4    . DT  A 1 6  ? -1.841  -3.132  0.490   1.00 22.97 ? 6   DT  A O4    1 
ATOM   117 C  C5    . DT  A 1 6  ? -0.823  -3.850  2.525   1.00 24.51 ? 6   DT  A C5    1 
ATOM   118 C  C7    . DT  A 1 6  ? -1.121  -5.311  2.327   1.00 28.05 ? 6   DT  A C7    1 
ATOM   119 C  C6    . DT  A 1 6  ? -0.189  -3.405  3.622   1.00 24.42 ? 6   DT  A C6    1 
ATOM   120 P  P     . DT  A 1 7  ? 0.920   -0.571  9.207   1.00 39.17 ? 7   DT  A P     1 
ATOM   121 O  OP1   . DT  A 1 7  ? 1.723   0.105   10.221  1.00 39.31 ? 7   DT  A OP1   1 
ATOM   122 O  OP2   . DT  A 1 7  ? 0.008   -1.686  9.540   1.00 36.59 ? 7   DT  A OP2   1 
ATOM   123 O  "O5'" . DT  A 1 7  ? 0.078   0.549   8.437   1.00 34.87 ? 7   DT  A "O5'" 1 
ATOM   124 C  "C5'" . DT  A 1 7  ? 0.716   1.548   7.754   1.00 34.70 ? 7   DT  A "C5'" 1 
ATOM   125 C  "C4'" . DT  A 1 7  ? -0.288  2.414   7.009   1.00 34.49 ? 7   DT  A "C4'" 1 
ATOM   126 O  "O4'" . DT  A 1 7  ? -0.914  1.725   5.885   1.00 30.29 ? 7   DT  A "O4'" 1 
ATOM   127 C  "C3'" . DT  A 1 7  ? -1.432  2.910   7.885   1.00 33.23 ? 7   DT  A "C3'" 1 
ATOM   128 O  "O3'" . DT  A 1 7  ? -1.432  4.364   7.819   1.00 34.71 ? 7   DT  A "O3'" 1 
ATOM   129 C  "C2'" . DT  A 1 7  ? -2.670  2.221   7.325   1.00 33.06 ? 7   DT  A "C2'" 1 
ATOM   130 C  "C1'" . DT  A 1 7  ? -2.293  2.021   5.865   1.00 31.88 ? 7   DT  A "C1'" 1 
ATOM   131 N  N1    . DT  A 1 7  ? -2.902  0.879   5.084   1.00 27.56 ? 7   DT  A N1    1 
ATOM   132 C  C2    . DT  A 1 7  ? -3.401  1.111   3.814   1.00 25.22 ? 7   DT  A C2    1 
ATOM   133 O  O2    . DT  A 1 7  ? -3.414  2.209   3.317   1.00 25.78 ? 7   DT  A O2    1 
ATOM   134 N  N3    . DT  A 1 7  ? -3.865  0.021   3.133   1.00 24.84 ? 7   DT  A N3    1 
ATOM   135 C  C4    . DT  A 1 7  ? -3.903  -1.277  3.598   1.00 25.21 ? 7   DT  A C4    1 
ATOM   136 O  O4    . DT  A 1 7  ? -4.361  -2.177  2.897   1.00 30.22 ? 7   DT  A O4    1 
ATOM   137 C  C5    . DT  A 1 7  ? -3.380  -1.448  4.940   1.00 25.30 ? 7   DT  A C5    1 
ATOM   138 C  C7    . DT  A 1 7  ? -3.329  -2.774  5.611   1.00 27.21 ? 7   DT  A C7    1 
ATOM   139 C  C6    . DT  A 1 7  ? -2.901  -0.371  5.586   1.00 23.74 ? 7   DT  A C6    1 
ATOM   140 P  P     . DG  A 1 8  ? -2.453  5.212   8.731   1.00 37.23 ? 8   DG  A P     1 
ATOM   141 O  OP1   . DG  A 1 8  ? -1.958  6.589   8.762   1.00 37.72 ? 8   DG  A OP1   1 
ATOM   142 O  OP2   . DG  A 1 8  ? -2.891  4.399   9.901   1.00 38.80 ? 8   DG  A OP2   1 
ATOM   143 O  "O5'" . DG  A 1 8  ? -3.735  5.241   7.777   1.00 36.90 ? 8   DG  A "O5'" 1 
ATOM   144 C  "C5'" . DG  A 1 8  ? -3.585  5.981   6.596   1.00 36.38 ? 8   DG  A "C5'" 1 
ATOM   145 C  "C4'" A DG  A 1 8  ? -4.826  5.949   5.762   0.50 36.66 ? 8   DG  A "C4'" 1 
ATOM   146 C  "C4'" B DG  A 1 8  ? -4.966  6.018   5.982   0.50 38.12 ? 8   DG  A "C4'" 1 
ATOM   147 O  "O4'" A DG  A 1 8  ? -5.079  4.600   5.302   0.50 34.58 ? 8   DG  A "O4'" 1 
ATOM   148 O  "O4'" B DG  A 1 8  ? -5.144  4.744   5.310   0.50 36.35 ? 8   DG  A "O4'" 1 
ATOM   149 C  "C3'" A DG  A 1 8  ? -6.049  6.385   6.538   0.50 35.01 ? 8   DG  A "C3'" 1 
ATOM   150 C  "C3'" B DG  A 1 8  ? -6.089  6.159   7.026   0.50 37.51 ? 8   DG  A "C3'" 1 
ATOM   151 O  "O3'" A DG  A 1 8  ? -6.623  7.434   5.804   0.50 33.85 ? 8   DG  A "O3'" 1 
ATOM   152 O  "O3'" B DG  A 1 8  ? -6.887  7.392   6.937   0.50 40.37 ? 8   DG  A "O3'" 1 
ATOM   153 C  "C2'" A DG  A 1 8  ? -6.885  5.111   6.645   0.50 34.96 ? 8   DG  A "C2'" 1 
ATOM   154 C  "C2'" B DG  A 1 8  ? -6.914  4.885   6.833   0.50 37.16 ? 8   DG  A "C2'" 1 
ATOM   155 C  "C1'" A DG  A 1 8  ? -6.473  4.376   5.373   0.50 33.26 ? 8   DG  A "C1'" 1 
ATOM   156 C  "C1'" B DG  A 1 8  ? -6.493  4.371   5.451   0.50 34.71 ? 8   DG  A "C1'" 1 
ATOM   157 N  N9    . DG  A 1 8  ? -6.579  2.925   5.257   1.00 31.59 ? 8   DG  A N9    1 
ATOM   158 C  C8    . DG  A 1 8  ? -6.153  1.968   6.132   1.00 30.17 ? 8   DG  A C8    1 
ATOM   159 N  N7    . DG  A 1 8  ? -6.343  0.766   5.726   1.00 26.33 ? 8   DG  A N7    1 
ATOM   160 C  C5    . DG  A 1 8  ? -6.924  0.897   4.475   1.00 26.09 ? 8   DG  A C5    1 
ATOM   161 C  C6    . DG  A 1 8  ? -7.328  -0.107  3.554   1.00 26.33 ? 8   DG  A C6    1 
ATOM   162 O  O6    . DG  A 1 8  ? -7.237  -1.342  3.697   1.00 27.10 ? 8   DG  A O6    1 
ATOM   163 N  N1    . DG  A 1 8  ? -7.867  0.454   2.404   1.00 26.84 ? 8   DG  A N1    1 
ATOM   164 C  C2    . DG  A 1 8  ? -7.991  1.801   2.189   1.00 22.09 ? 8   DG  A C2    1 
ATOM   165 N  N2    . DG  A 1 8  ? -8.538  2.209   1.009   1.00 23.34 ? 8   DG  A N2    1 
ATOM   166 N  N3    . DG  A 1 8  ? -7.592  2.740   3.038   1.00 26.45 ? 8   DG  A N3    1 
ATOM   167 C  C4    . DG  A 1 8  ? -7.064  2.221   4.164   1.00 26.66 ? 8   DG  A C4    1 
ATOM   168 P  P     A DC  A 1 9  ? -7.648  8.488   6.455   0.50 30.29 ? 9   DC  A P     1 
ATOM   169 P  P     B DC  A 1 9  ? -8.435  7.280   7.310   0.50 37.26 ? 9   DC  A P     1 
ATOM   170 O  OP1   A DC  A 1 9  ? -7.300  9.757   5.788   0.50 34.58 ? 9   DC  A OP1   1 
ATOM   171 O  OP1   B DC  A 1 9  ? -8.819  8.073   8.477   0.50 40.38 ? 9   DC  A OP1   1 
ATOM   172 O  OP2   A DC  A 1 9  ? -7.746  8.281   7.866   0.50 26.57 ? 9   DC  A OP2   1 
ATOM   173 O  OP2   B DC  A 1 9  ? -8.694  5.829   7.391   0.50 40.73 ? 9   DC  A OP2   1 
ATOM   174 O  "O5'" . DC  A 1 9  ? -9.089  7.929   5.960   1.00 34.00 ? 9   DC  A "O5'" 1 
ATOM   175 C  "C5'" . DC  A 1 9  ? -8.903  7.788   4.557   1.00 28.47 ? 9   DC  A "C5'" 1 
ATOM   176 C  "C4'" . DC  A 1 9  ? -10.031 7.060   3.865   1.00 26.16 ? 9   DC  A "C4'" 1 
ATOM   177 O  "O4'" . DC  A 1 9  ? -9.801  5.644   3.906   1.00 24.60 ? 9   DC  A "O4'" 1 
ATOM   178 C  "C3'" . DC  A 1 9  ? -11.447 7.298   4.394   1.00 23.23 ? 9   DC  A "C3'" 1 
ATOM   179 O  "O3'" . DC  A 1 9  ? -12.280 7.529   3.292   1.00 22.83 ? 9   DC  A "O3'" 1 
ATOM   180 C  "C2'" . DC  A 1 9  ? -11.723 6.005   5.120   1.00 23.50 ? 9   DC  A "C2'" 1 
ATOM   181 C  "C1'" . DC  A 1 9  ? -11.041 5.008   4.174   1.00 21.57 ? 9   DC  A "C1'" 1 
ATOM   182 N  N1    . DC  A 1 9  ? -10.778 3.647   4.673   1.00 21.97 ? 9   DC  A N1    1 
ATOM   183 C  C2    . DC  A 1 9  ? -10.982 2.538   3.847   1.00 21.98 ? 9   DC  A C2    1 
ATOM   184 O  O2    . DC  A 1 9  ? -11.435 2.680   2.702   1.00 22.39 ? 9   DC  A O2    1 
ATOM   185 N  N3    . DC  A 1 9  ? -10.654 1.301   4.359   1.00 21.50 ? 9   DC  A N3    1 
ATOM   186 C  C4    . DC  A 1 9  ? -10.169 1.137   5.585   1.00 22.03 ? 9   DC  A C4    1 
ATOM   187 N  N4    . DC  A 1 9  ? -9.901  -0.120  6.004   1.00 22.56 ? 9   DC  A N4    1 
ATOM   188 C  C5    . DC  A 1 9  ? -9.923  2.240   6.422   1.00 22.13 ? 9   DC  A C5    1 
ATOM   189 C  C6    . DC  A 1 9  ? -10.216 3.457   5.934   1.00 20.98 ? 9   DC  A C6    1 
ATOM   190 P  P     . DG  A 1 10 ? -13.593 8.408   3.424   1.00 24.78 ? 10  DG  A P     1 
ATOM   191 O  OP1   . DG  A 1 10 ? -14.033 8.659   2.022   1.00 23.66 ? 10  DG  A OP1   1 
ATOM   192 O  OP2   . DG  A 1 10 ? -13.321 9.450   4.415   1.00 25.30 ? 10  DG  A OP2   1 
ATOM   193 O  "O5'" . DG  A 1 10 ? -14.573 7.339   4.081   1.00 25.19 ? 10  DG  A "O5'" 1 
ATOM   194 C  "C5'" . DG  A 1 10 ? -15.003 6.177   3.378   1.00 24.41 ? 10  DG  A "C5'" 1 
ATOM   195 C  "C4'" . DG  A 1 10 ? -16.092 5.472   4.190   1.00 23.75 ? 10  DG  A "C4'" 1 
ATOM   196 O  "O4'" . DG  A 1 10 ? -15.692 5.240   5.567   1.00 22.56 ? 10  DG  A "O4'" 1 
ATOM   197 C  "C3'" . DG  A 1 10 ? -17.401 6.267   4.326   1.00 23.73 ? 10  DG  A "C3'" 1 
ATOM   198 O  "O3'" . DG  A 1 10 ? -18.399 5.865   3.337   1.00 25.20 ? 10  DG  A "O3'" 1 
ATOM   199 C  "C2'" . DG  A 1 10 ? -17.870 6.000   5.747   1.00 23.90 ? 10  DG  A "C2'" 1 
ATOM   200 C  "C1'" . DG  A 1 10 ? -16.547 5.868   6.499   1.00 22.27 ? 10  DG  A "C1'" 1 
ATOM   201 N  N9    . DG  A 1 10 ? -15.921 7.138   6.889   1.00 21.11 ? 10  DG  A N9    1 
ATOM   202 C  C8    . DG  A 1 10 ? -16.360 8.468   6.734   1.00 23.85 ? 10  DG  A C8    1 
ATOM   203 N  N7    . DG  A 1 10 ? -15.523 9.355   7.180   1.00 20.77 ? 10  DG  A N7    1 
ATOM   204 C  C5    . DG  A 1 10 ? -14.442 8.597   7.644   1.00 22.73 ? 10  DG  A C5    1 
ATOM   205 C  C6    . DG  A 1 10 ? -13.230 8.992   8.244   1.00 24.89 ? 10  DG  A C6    1 
ATOM   206 O  O6    . DG  A 1 10 ? -12.834 10.157  8.490   1.00 26.77 ? 10  DG  A O6    1 
ATOM   207 N  N1    . DG  A 1 10 ? -12.429 7.900   8.566   1.00 22.40 ? 10  DG  A N1    1 
ATOM   208 C  C2    . DG  A 1 10 ? -12.760 6.587   8.353   1.00 24.07 ? 10  DG  A C2    1 
ATOM   209 N  N2    . DG  A 1 10 ? -11.829 5.685   8.750   1.00 21.20 ? 10  DG  A N2    1 
ATOM   210 N  N3    . DG  A 1 10 ? -13.913 6.219   7.820   1.00 20.93 ? 10  DG  A N3    1 
ATOM   211 C  C4    . DG  A 1 10 ? -14.692 7.251   7.472   1.00 22.12 ? 10  DG  A C4    1 
HETATM 212 CO CO    . CO  B 2 .  ? -15.940 11.462  6.833   0.50 23.46 ? 300 CO  A CO    1 
HETATM 213 O  O     . HOH C 3 .  ? 12.156  4.630   -5.717  1.00 42.51 ? 301 HOH A O     1 
HETATM 214 O  O     . HOH C 3 .  ? 2.241   -3.579  -5.890  1.00 43.78 ? 302 HOH A O     1 
HETATM 215 O  O     . HOH C 3 .  ? 17.913  6.131   -7.851  1.00 37.78 ? 303 HOH A O     1 
HETATM 216 O  O     . HOH C 3 .  ? 4.541   -1.040  3.525   1.00 29.06 ? 304 HOH A O     1 
HETATM 217 O  O     . HOH C 3 .  ? 0.689   -8.433  0.925   1.00 36.34 ? 305 HOH A O     1 
HETATM 218 O  O     . HOH C 3 .  ? 0.414   0.416   -5.635  1.00 36.97 ? 306 HOH A O     1 
HETATM 219 O  O     . HOH C 3 .  ? -11.886 8.890   0.068   1.00 35.91 ? 307 HOH A O     1 
HETATM 220 O  O     . HOH C 3 .  ? 6.624   -10.328 -11.796 1.00 53.07 ? 308 HOH A O     1 
HETATM 221 O  O     . HOH C 3 .  ? 0.264   -5.761  -2.683  1.00 42.02 ? 309 HOH A O     1 
HETATM 222 O  O     . HOH C 3 .  ? 3.587   -4.604  10.058  1.00 47.82 ? 310 HOH A O     1 
HETATM 223 O  O     . HOH C 3 .  ? 4.457   1.804   7.383   1.00 39.85 ? 311 HOH A O     1 
HETATM 224 O  O     . HOH C 3 .  ? 12.013  -1.613  -10.221 1.00 45.97 ? 312 HOH A O     1 
HETATM 225 O  O     . HOH C 3 .  ? -11.931 12.480  2.647   1.00 56.42 ? 313 HOH A O     1 
HETATM 226 O  O     . HOH C 3 .  ? 9.441   -3.851  1.016   1.00 30.13 ? 314 HOH A O     1 
HETATM 227 O  O     . HOH C 3 .  ? 12.433  2.891   -16.641 1.00 57.86 ? 315 HOH A O     1 
HETATM 228 O  O     . HOH C 3 .  ? 4.457   -11.238 -13.859 1.00 42.83 ? 316 HOH A O     1 
HETATM 229 O  O     . HOH C 3 .  ? 6.924   -4.761  1.655   1.00 34.26 ? 317 HOH A O     1 
HETATM 230 O  O     . HOH C 3 .  ? 11.872  1.143   -9.068  1.00 31.23 ? 318 HOH A O     1 
HETATM 231 O  O     . HOH C 3 .  ? 14.120  6.543   -5.232  1.00 47.32 ? 319 HOH A O     1 
HETATM 232 O  O     . HOH C 3 .  ? 5.441   -2.259  -14.397 1.00 45.93 ? 320 HOH A O     1 
HETATM 233 O  O     . HOH C 3 .  ? 5.547   -9.739  5.664   0.50 36.56 ? 321 HOH A O     1 
HETATM 234 O  O     . HOH C 3 .  ? 1.383   2.345   3.734   0.50 25.28 ? 322 HOH A O     1 
HETATM 235 O  O     . HOH C 3 .  ? -19.941 11.080  8.544   0.50 31.44 ? 323 HOH A O     1 
HETATM 236 O  O     . HOH C 3 .  ? -14.240 12.127  7.597   1.00 38.21 ? 324 HOH A O     1 
HETATM 237 O  O     . HOH C 3 .  ? -17.778 11.184  6.273   1.00 34.00 ? 325 HOH A O     1 
HETATM 238 O  O     A HOH C 3 .  ? -18.454 12.641  3.948   0.50 26.33 ? 326 HOH A O     1 
HETATM 239 O  O     B HOH C 3 .  ? -17.937 12.163  1.922   0.50 31.71 ? 326 HOH A O     1 
HETATM 240 O  O     . HOH C 3 .  ? -19.585 8.828   5.446   1.00 38.16 ? 327 HOH A O     1 
HETATM 241 O  O     . HOH C 3 .  ? 4.846   -12.595 -4.060  1.00 38.63 ? 328 HOH A O     1 
HETATM 242 O  O     . HOH C 3 .  ? 3.435   1.147   5.044   1.00 34.38 ? 329 HOH A O     1 
HETATM 243 O  O     . HOH C 3 .  ? 14.640  0.101   -14.916 0.50 40.24 ? 330 HOH A O     1 
HETATM 244 O  O     . HOH C 3 .  ? 5.440   -0.325  -10.905 1.00 49.94 ? 331 HOH A O     1 
HETATM 245 O  O     . HOH C 3 .  ? 1.451   -7.896  -4.173  1.00 46.73 ? 332 HOH A O     1 
HETATM 246 O  O     . HOH C 3 .  ? 11.248  -0.382  -16.512 1.00 56.18 ? 333 HOH A O     1 
HETATM 247 O  O     . HOH C 3 .  ? -11.347 11.908  4.861   0.50 47.32 ? 334 HOH A O     1 
HETATM 248 O  O     . HOH C 3 .  ? -0.383  -3.744  -4.283  1.00 35.47 ? 335 HOH A O     1 
HETATM 249 O  O     . HOH C 3 .  ? 0.365   2.358   11.406  1.00 56.65 ? 336 HOH A O     1 
HETATM 250 O  O     . HOH C 3 .  ? 17.400  8.096   -9.294  0.50 32.41 ? 337 HOH A O     1 
HETATM 251 O  O     . HOH C 3 .  ? -0.690  -5.683  6.095   1.00 40.37 ? 338 HOH A O     1 
HETATM 252 O  O     . HOH C 3 .  ? 3.217   -8.097  -11.314 1.00 52.17 ? 339 HOH A O     1 
HETATM 253 O  O     . HOH C 3 .  ? -1.072  -4.625  8.589   1.00 44.59 ? 340 HOH A O     1 
HETATM 254 O  O     . HOH C 3 .  ? 1.484   -9.792  5.340   0.50 38.24 ? 341 HOH A O     1 
HETATM 255 O  O     . HOH C 3 .  ? 8.958   -5.583  8.398   0.50 39.16 ? 342 HOH A O     1 
HETATM 256 O  O     . HOH C 3 .  ? 4.595   -12.703 3.305   1.00 47.58 ? 343 HOH A O     1 
HETATM 257 O  O     . HOH C 3 .  ? -2.632  -1.511  8.950   0.50 36.40 ? 344 HOH A O     1 
HETATM 258 O  O     . HOH C 3 .  ? 2.537   -0.814  -6.586  1.00 44.88 ? 345 HOH A O     1 
HETATM 259 O  O     . HOH C 3 .  ? -3.243  -5.416  -6.594  0.50 37.48 ? 346 HOH A O     1 
# 
